data_2KES
#
_entry.id   2KES
#
_entity_poly.entity_id   1
_entity_poly.type   'polypeptide(L)'
_entity_poly.pdbx_seq_one_letter_code
;GSVETCMSLASQVVKLTKQLKEQTVERVTLQNQLQQFLEAQKSEGKSL
;
_entity_poly.pdbx_strand_id   A
#
# COMPACT_ATOMS: atom_id res chain seq x y z
N GLY A 1 26.18 22.02 -10.10
CA GLY A 1 25.67 22.49 -8.79
C GLY A 1 24.24 22.07 -8.55
N SER A 2 23.64 22.57 -7.47
CA SER A 2 22.23 22.34 -7.13
C SER A 2 21.97 20.91 -6.64
N VAL A 3 22.78 19.96 -7.11
CA VAL A 3 22.60 18.55 -6.76
C VAL A 3 22.63 18.32 -5.25
N GLU A 4 23.57 18.94 -4.57
CA GLU A 4 23.73 18.73 -3.13
C GLU A 4 22.51 19.25 -2.37
N THR A 5 21.96 20.36 -2.84
CA THR A 5 20.79 20.96 -2.22
C THR A 5 19.54 20.16 -2.56
N CYS A 6 19.37 19.85 -3.83
CA CYS A 6 18.19 19.15 -4.30
C CYS A 6 18.16 17.71 -3.79
N MET A 7 19.33 17.09 -3.67
CA MET A 7 19.41 15.72 -3.17
C MET A 7 18.83 15.62 -1.76
N SER A 8 19.01 16.68 -0.98
CA SER A 8 18.49 16.70 0.38
C SER A 8 16.96 16.79 0.38
N LEU A 9 16.43 17.72 -0.39
CA LEU A 9 14.98 17.89 -0.47
C LEU A 9 14.32 16.71 -1.16
N ALA A 10 14.94 16.22 -2.22
CA ALA A 10 14.43 15.11 -2.99
C ALA A 10 14.40 13.83 -2.16
N SER A 11 15.44 13.60 -1.36
CA SER A 11 15.50 12.39 -0.55
C SER A 11 14.40 12.41 0.51
N GLN A 12 14.11 13.58 1.07
CA GLN A 12 13.00 13.71 2.00
C GLN A 12 11.69 13.35 1.32
N VAL A 13 11.50 13.87 0.10
CA VAL A 13 10.35 13.50 -0.72
C VAL A 13 10.34 11.99 -0.96
N VAL A 14 11.53 11.44 -1.19
CA VAL A 14 11.70 10.02 -1.41
C VAL A 14 11.24 9.21 -0.20
N LYS A 15 11.53 9.71 1.00
CA LYS A 15 11.06 9.05 2.21
C LYS A 15 9.54 9.00 2.24
N LEU A 16 8.90 10.12 1.89
CA LEU A 16 7.45 10.18 1.88
C LEU A 16 6.86 9.25 0.81
N THR A 17 7.41 9.33 -0.40
CA THR A 17 6.90 8.52 -1.50
C THR A 17 7.14 7.03 -1.22
N LYS A 18 8.25 6.73 -0.55
CA LYS A 18 8.56 5.36 -0.17
C LYS A 18 7.50 4.81 0.77
N GLN A 19 7.19 5.60 1.81
CA GLN A 19 6.18 5.19 2.79
C GLN A 19 4.81 5.09 2.14
N LEU A 20 4.52 5.99 1.22
CA LEU A 20 3.26 5.95 0.47
C LEU A 20 3.16 4.64 -0.30
N LYS A 21 4.24 4.29 -0.98
CA LYS A 21 4.28 3.05 -1.75
C LYS A 21 4.17 1.84 -0.82
N GLU A 22 4.86 1.88 0.31
CA GLU A 22 4.81 0.78 1.26
C GLU A 22 3.40 0.57 1.80
N GLN A 23 2.73 1.67 2.17
CA GLN A 23 1.35 1.58 2.65
C GLN A 23 0.46 1.02 1.55
N THR A 24 0.72 1.42 0.31
CA THR A 24 -0.08 0.98 -0.81
C THR A 24 0.16 -0.49 -1.12
N VAL A 25 1.43 -0.91 -1.18
CA VAL A 25 1.77 -2.28 -1.55
C VAL A 25 1.20 -3.28 -0.55
N GLU A 26 1.25 -2.97 0.74
CA GLU A 26 0.69 -3.86 1.75
C GLU A 26 -0.84 -3.83 1.69
N ARG A 27 -1.40 -2.66 1.42
CA ARG A 27 -2.85 -2.50 1.33
C ARG A 27 -3.41 -3.22 0.11
N VAL A 28 -2.75 -3.07 -1.04
CA VAL A 28 -3.20 -3.72 -2.25
C VAL A 28 -3.06 -5.23 -2.11
N THR A 29 -1.98 -5.65 -1.48
CA THR A 29 -1.75 -7.05 -1.19
C THR A 29 -2.80 -7.59 -0.21
N LEU A 30 -3.17 -6.77 0.77
CA LEU A 30 -4.22 -7.13 1.72
C LEU A 30 -5.55 -7.29 0.98
N GLN A 31 -5.85 -6.32 0.12
CA GLN A 31 -7.05 -6.38 -0.71
C GLN A 31 -6.96 -7.56 -1.67
N ASN A 32 -5.75 -7.91 -2.07
CA ASN A 32 -5.51 -9.09 -2.89
C ASN A 32 -5.88 -10.35 -2.11
N GLN A 33 -5.49 -10.38 -0.84
CA GLN A 33 -5.86 -11.47 0.04
C GLN A 33 -7.37 -11.49 0.22
N LEU A 34 -7.97 -10.32 0.32
CA LEU A 34 -9.41 -10.19 0.42
C LEU A 34 -10.07 -10.64 -0.89
N GLN A 35 -9.39 -10.40 -2.00
CA GLN A 35 -9.84 -10.88 -3.29
C GLN A 35 -9.88 -12.40 -3.28
N GLN A 36 -8.81 -13.01 -2.77
CA GLN A 36 -8.76 -14.46 -2.60
C GLN A 36 -9.88 -14.91 -1.66
N PHE A 37 -10.15 -14.08 -0.66
CA PHE A 37 -11.18 -14.37 0.32
C PHE A 37 -12.57 -14.33 -0.33
N LEU A 38 -12.87 -13.24 -1.04
CA LEU A 38 -14.15 -13.11 -1.71
C LEU A 38 -14.30 -14.18 -2.79
N GLU A 39 -13.18 -14.50 -3.44
CA GLU A 39 -13.14 -15.60 -4.40
C GLU A 39 -13.50 -16.91 -3.72
N ALA A 40 -12.91 -17.17 -2.56
CA ALA A 40 -13.23 -18.38 -1.80
C ALA A 40 -14.70 -18.43 -1.44
N GLN A 41 -15.27 -17.27 -1.16
CA GLN A 41 -16.69 -17.16 -0.85
C GLN A 41 -17.53 -17.47 -2.10
N LYS A 42 -17.15 -16.85 -3.20
CA LYS A 42 -17.88 -17.01 -4.45
C LYS A 42 -17.63 -18.40 -5.03
N SER A 43 -16.57 -19.04 -4.58
CA SER A 43 -16.29 -20.43 -4.94
C SER A 43 -17.32 -21.35 -4.29
N GLU A 44 -17.85 -20.92 -3.15
CA GLU A 44 -18.92 -21.66 -2.49
C GLU A 44 -20.26 -21.31 -3.12
N GLY A 45 -20.39 -20.05 -3.53
CA GLY A 45 -21.61 -19.60 -4.18
C GLY A 45 -21.79 -20.18 -5.57
N LYS A 46 -20.68 -20.43 -6.24
CA LYS A 46 -20.70 -21.04 -7.58
C LYS A 46 -20.94 -22.54 -7.47
N SER A 47 -20.91 -23.05 -6.25
CA SER A 47 -21.14 -24.46 -6.01
C SER A 47 -22.59 -24.68 -5.57
N LEU A 48 -23.04 -25.92 -5.68
CA LEU A 48 -24.39 -26.27 -5.27
C LEU A 48 -24.33 -27.25 -4.11
N GLY A 1 13.96 33.02 -3.49
CA GLY A 1 14.27 31.61 -3.80
C GLY A 1 13.66 30.66 -2.79
N SER A 2 13.85 29.37 -3.01
CA SER A 2 13.34 28.37 -2.09
C SER A 2 14.20 27.10 -2.16
N VAL A 3 15.28 27.09 -1.41
CA VAL A 3 16.19 25.94 -1.40
C VAL A 3 16.03 25.19 -0.09
N GLU A 4 16.16 25.91 1.01
CA GLU A 4 16.03 25.34 2.34
C GLU A 4 14.60 24.87 2.58
N THR A 5 13.63 25.65 2.10
CA THR A 5 12.23 25.29 2.22
C THR A 5 11.90 24.09 1.34
N CYS A 6 12.35 24.14 0.09
CA CYS A 6 12.11 23.06 -0.85
C CYS A 6 12.72 21.76 -0.36
N MET A 7 13.92 21.84 0.20
CA MET A 7 14.59 20.66 0.72
C MET A 7 13.77 20.05 1.85
N SER A 8 13.24 20.90 2.72
CA SER A 8 12.45 20.43 3.85
C SER A 8 11.15 19.78 3.38
N LEU A 9 10.43 20.45 2.47
CA LEU A 9 9.17 19.89 1.98
C LEU A 9 9.39 18.64 1.15
N ALA A 10 10.43 18.65 0.33
CA ALA A 10 10.75 17.51 -0.53
C ALA A 10 11.10 16.28 0.29
N SER A 11 11.84 16.48 1.37
CA SER A 11 12.17 15.37 2.27
C SER A 11 10.92 14.80 2.91
N GLN A 12 9.99 15.68 3.28
CA GLN A 12 8.72 15.24 3.83
C GLN A 12 7.91 14.50 2.77
N VAL A 13 7.98 14.97 1.52
CA VAL A 13 7.38 14.28 0.40
C VAL A 13 8.02 12.90 0.24
N VAL A 14 9.33 12.85 0.43
CA VAL A 14 10.08 11.61 0.38
C VAL A 14 9.63 10.65 1.48
N LYS A 15 9.39 11.18 2.68
CA LYS A 15 8.86 10.38 3.77
C LYS A 15 7.45 9.90 3.45
N LEU A 16 6.65 10.79 2.87
CA LEU A 16 5.30 10.46 2.46
C LEU A 16 5.30 9.39 1.38
N THR A 17 6.12 9.59 0.35
CA THR A 17 6.17 8.63 -0.75
C THR A 17 6.70 7.29 -0.26
N LYS A 18 7.60 7.32 0.72
CA LYS A 18 8.11 6.10 1.32
C LYS A 18 6.97 5.35 2.04
N GLN A 19 6.25 6.07 2.87
CA GLN A 19 5.19 5.48 3.65
C GLN A 19 4.02 5.07 2.76
N LEU A 20 3.60 5.97 1.88
CA LEU A 20 2.43 5.75 1.05
C LEU A 20 2.66 4.65 0.02
N LYS A 21 3.79 4.71 -0.67
CA LYS A 21 4.10 3.74 -1.72
C LYS A 21 4.16 2.33 -1.13
N GLU A 22 4.89 2.18 -0.04
CA GLU A 22 5.04 0.88 0.59
C GLU A 22 3.74 0.45 1.28
N GLN A 23 3.01 1.42 1.82
CA GLN A 23 1.67 1.13 2.36
C GLN A 23 0.76 0.63 1.25
N THR A 24 0.91 1.20 0.05
CA THR A 24 0.08 0.80 -1.07
C THR A 24 0.37 -0.64 -1.49
N VAL A 25 1.65 -1.01 -1.58
CA VAL A 25 2.02 -2.34 -2.04
C VAL A 25 1.58 -3.42 -1.06
N GLU A 26 1.68 -3.16 0.24
CA GLU A 26 1.20 -4.11 1.22
C GLU A 26 -0.33 -4.11 1.24
N ARG A 27 -0.93 -2.96 0.99
CA ARG A 27 -2.37 -2.81 0.97
C ARG A 27 -3.01 -3.50 -0.24
N VAL A 28 -2.37 -3.38 -1.41
CA VAL A 28 -2.86 -4.09 -2.59
C VAL A 28 -2.72 -5.59 -2.39
N THR A 29 -1.62 -5.99 -1.78
CA THR A 29 -1.39 -7.37 -1.41
C THR A 29 -2.45 -7.83 -0.40
N LEU A 30 -2.83 -6.94 0.50
CA LEU A 30 -3.91 -7.18 1.44
C LEU A 30 -5.23 -7.30 0.67
N GLN A 31 -5.44 -6.43 -0.31
CA GLN A 31 -6.60 -6.50 -1.17
C GLN A 31 -6.62 -7.81 -1.95
N ASN A 32 -5.44 -8.30 -2.30
CA ASN A 32 -5.30 -9.60 -2.94
C ASN A 32 -5.79 -10.70 -2.00
N GLN A 33 -5.41 -10.59 -0.73
CA GLN A 33 -5.88 -11.50 0.30
C GLN A 33 -7.39 -11.37 0.47
N LEU A 34 -7.87 -10.13 0.38
CA LEU A 34 -9.29 -9.85 0.46
C LEU A 34 -10.00 -10.40 -0.78
N GLN A 35 -9.31 -10.40 -1.90
CA GLN A 35 -9.83 -10.95 -3.13
C GLN A 35 -10.15 -12.43 -2.97
N GLN A 36 -9.21 -13.16 -2.37
CA GLN A 36 -9.42 -14.56 -2.03
C GLN A 36 -10.62 -14.69 -1.08
N PHE A 37 -10.73 -13.72 -0.17
CA PHE A 37 -11.79 -13.68 0.81
C PHE A 37 -13.17 -13.42 0.16
N LEU A 38 -13.24 -12.45 -0.74
CA LEU A 38 -14.46 -12.18 -1.48
C LEU A 38 -14.84 -13.35 -2.38
N GLU A 39 -13.82 -14.02 -2.93
CA GLU A 39 -14.03 -15.22 -3.71
C GLU A 39 -14.71 -16.31 -2.88
N ALA A 40 -14.34 -16.38 -1.60
CA ALA A 40 -14.98 -17.31 -0.69
C ALA A 40 -16.44 -16.94 -0.49
N GLN A 41 -16.73 -15.64 -0.47
CA GLN A 41 -18.10 -15.16 -0.38
C GLN A 41 -18.92 -15.63 -1.58
N LYS A 42 -18.29 -15.66 -2.74
CA LYS A 42 -18.95 -16.09 -3.96
C LYS A 42 -19.28 -17.57 -3.89
N SER A 43 -18.33 -18.35 -3.40
CA SER A 43 -18.49 -19.79 -3.33
C SER A 43 -19.46 -20.20 -2.23
N GLU A 44 -19.32 -19.61 -1.06
CA GLU A 44 -20.21 -19.94 0.06
C GLU A 44 -21.57 -19.31 -0.14
N GLY A 45 -21.58 -18.12 -0.73
CA GLY A 45 -22.83 -17.43 -0.98
C GLY A 45 -23.67 -18.14 -2.02
N LYS A 46 -23.03 -18.63 -3.07
CA LYS A 46 -23.74 -19.37 -4.12
C LYS A 46 -24.23 -20.73 -3.60
N SER A 47 -23.60 -21.20 -2.53
CA SER A 47 -23.94 -22.49 -1.95
C SER A 47 -25.29 -22.43 -1.24
N LEU A 48 -26.15 -23.38 -1.54
CA LEU A 48 -27.47 -23.46 -0.93
C LEU A 48 -27.99 -24.88 -1.02
N GLY A 1 14.45 27.21 12.34
CA GLY A 1 15.17 28.40 11.84
C GLY A 1 15.68 28.19 10.43
N SER A 2 16.96 27.86 10.32
CA SER A 2 17.60 27.69 9.01
C SER A 2 17.54 26.24 8.56
N VAL A 3 18.25 25.37 9.27
CA VAL A 3 18.43 24.00 8.83
C VAL A 3 17.48 23.02 9.53
N GLU A 4 17.49 23.02 10.85
CA GLU A 4 16.82 21.98 11.63
C GLU A 4 15.33 21.85 11.29
N THR A 5 14.61 22.96 11.24
CA THR A 5 13.18 22.92 10.99
C THR A 5 12.88 22.43 9.58
N CYS A 6 13.57 22.98 8.60
CA CYS A 6 13.36 22.61 7.20
C CYS A 6 13.76 21.15 6.98
N MET A 7 14.80 20.72 7.66
CA MET A 7 15.24 19.34 7.58
C MET A 7 14.17 18.40 8.14
N SER A 8 13.58 18.78 9.27
CA SER A 8 12.58 17.95 9.93
C SER A 8 11.32 17.82 9.09
N LEU A 9 10.81 18.94 8.56
CA LEU A 9 9.60 18.90 7.76
C LEU A 9 9.81 18.12 6.47
N ALA A 10 10.98 18.29 5.87
CA ALA A 10 11.32 17.55 4.65
C ALA A 10 11.44 16.05 4.94
N SER A 11 12.06 15.73 6.07
CA SER A 11 12.18 14.33 6.49
C SER A 11 10.80 13.75 6.78
N GLN A 12 9.93 14.57 7.36
CA GLN A 12 8.56 14.16 7.63
C GLN A 12 7.85 13.84 6.32
N VAL A 13 8.02 14.72 5.34
CA VAL A 13 7.48 14.50 3.99
C VAL A 13 8.05 13.20 3.40
N VAL A 14 9.34 12.99 3.63
CA VAL A 14 10.02 11.80 3.17
C VAL A 14 9.43 10.55 3.85
N LYS A 15 9.14 10.66 5.13
CA LYS A 15 8.48 9.56 5.85
C LYS A 15 7.08 9.30 5.31
N LEU A 16 6.36 10.37 4.96
CA LEU A 16 5.03 10.25 4.38
C LEU A 16 5.09 9.53 3.05
N THR A 17 5.98 9.97 2.18
CA THR A 17 6.10 9.41 0.84
C THR A 17 6.60 7.95 0.92
N LYS A 18 7.46 7.68 1.90
CA LYS A 18 7.94 6.34 2.13
C LYS A 18 6.79 5.43 2.55
N GLN A 19 6.01 5.91 3.51
CA GLN A 19 4.88 5.15 4.02
C GLN A 19 3.84 4.93 2.92
N LEU A 20 3.64 5.92 2.06
CA LEU A 20 2.66 5.81 0.99
C LEU A 20 3.01 4.66 0.04
N LYS A 21 4.27 4.59 -0.36
CA LYS A 21 4.74 3.53 -1.26
C LYS A 21 4.57 2.15 -0.61
N GLU A 22 5.02 2.02 0.63
CA GLU A 22 4.96 0.75 1.34
C GLU A 22 3.51 0.39 1.66
N GLN A 23 2.70 1.40 1.96
CA GLN A 23 1.28 1.19 2.19
C GLN A 23 0.59 0.67 0.94
N THR A 24 0.98 1.21 -0.21
CA THR A 24 0.37 0.83 -1.48
C THR A 24 0.66 -0.64 -1.80
N VAL A 25 1.91 -1.06 -1.65
CA VAL A 25 2.29 -2.43 -1.99
C VAL A 25 1.60 -3.45 -1.08
N GLU A 26 1.48 -3.12 0.21
CA GLU A 26 0.77 -3.99 1.13
C GLU A 26 -0.73 -3.92 0.88
N ARG A 27 -1.21 -2.75 0.46
CA ARG A 27 -2.62 -2.56 0.19
C ARG A 27 -3.07 -3.36 -1.02
N VAL A 28 -2.31 -3.31 -2.11
CA VAL A 28 -2.65 -4.08 -3.30
C VAL A 28 -2.56 -5.57 -3.01
N THR A 29 -1.55 -5.95 -2.25
CA THR A 29 -1.38 -7.32 -1.82
C THR A 29 -2.52 -7.74 -0.89
N LEU A 30 -2.95 -6.81 -0.03
CA LEU A 30 -4.06 -7.04 0.88
C LEU A 30 -5.34 -7.24 0.07
N GLN A 31 -5.53 -6.42 -0.96
CA GLN A 31 -6.69 -6.56 -1.85
C GLN A 31 -6.71 -7.95 -2.49
N ASN A 32 -5.53 -8.45 -2.82
CA ASN A 32 -5.39 -9.81 -3.36
C ASN A 32 -5.86 -10.83 -2.33
N GLN A 33 -5.40 -10.66 -1.10
CA GLN A 33 -5.82 -11.51 0.00
C GLN A 33 -7.31 -11.35 0.26
N LEU A 34 -7.78 -10.11 0.20
CA LEU A 34 -9.19 -9.80 0.45
C LEU A 34 -10.06 -10.36 -0.66
N GLN A 35 -9.52 -10.42 -1.87
CA GLN A 35 -10.21 -11.04 -2.99
C GLN A 35 -10.47 -12.51 -2.66
N GLN A 36 -9.45 -13.18 -2.14
CA GLN A 36 -9.59 -14.55 -1.68
C GLN A 36 -10.49 -14.61 -0.44
N PHE A 37 -10.37 -13.60 0.40
CA PHE A 37 -11.15 -13.49 1.64
C PHE A 37 -12.64 -13.41 1.34
N LEU A 38 -13.03 -12.52 0.44
CA LEU A 38 -14.43 -12.35 0.08
C LEU A 38 -14.97 -13.62 -0.58
N GLU A 39 -14.15 -14.23 -1.42
CA GLU A 39 -14.51 -15.51 -2.04
C GLU A 39 -14.71 -16.59 -0.99
N ALA A 40 -13.88 -16.55 0.05
CA ALA A 40 -14.03 -17.45 1.18
C ALA A 40 -15.37 -17.21 1.87
N GLN A 41 -15.71 -15.94 2.08
CA GLN A 41 -16.96 -15.58 2.74
C GLN A 41 -18.16 -16.12 1.97
N LYS A 42 -18.03 -16.16 0.66
CA LYS A 42 -19.06 -16.74 -0.19
C LYS A 42 -19.24 -18.22 0.13
N SER A 43 -18.14 -18.96 0.08
CA SER A 43 -18.15 -20.39 0.34
C SER A 43 -18.54 -20.70 1.79
N GLU A 44 -18.09 -19.87 2.71
CA GLU A 44 -18.42 -20.04 4.12
C GLU A 44 -19.89 -19.70 4.38
N GLY A 45 -20.38 -18.67 3.69
CA GLY A 45 -21.74 -18.21 3.90
C GLY A 45 -22.77 -19.07 3.19
N LYS A 46 -22.43 -19.55 2.00
CA LYS A 46 -23.33 -20.43 1.25
C LYS A 46 -23.47 -21.79 1.94
N SER A 47 -22.45 -22.18 2.70
CA SER A 47 -22.44 -23.47 3.35
C SER A 47 -22.89 -23.33 4.81
N LEU A 48 -22.79 -24.42 5.56
CA LEU A 48 -23.15 -24.40 6.97
C LEU A 48 -21.96 -23.98 7.80
N GLY A 1 26.04 24.30 0.95
CA GLY A 1 25.37 25.44 1.64
C GLY A 1 23.92 25.58 1.22
N SER A 2 23.67 25.41 -0.07
CA SER A 2 22.32 25.56 -0.61
C SER A 2 21.81 24.23 -1.16
N VAL A 3 22.55 23.17 -0.92
CA VAL A 3 22.21 21.86 -1.47
C VAL A 3 21.63 20.95 -0.40
N GLU A 4 22.39 20.76 0.68
CA GLU A 4 22.03 19.82 1.73
C GLU A 4 20.71 20.17 2.39
N THR A 5 20.43 21.47 2.50
CA THR A 5 19.21 21.93 3.14
C THR A 5 17.97 21.55 2.34
N CYS A 6 17.97 21.89 1.06
CA CYS A 6 16.87 21.54 0.18
C CYS A 6 16.84 20.04 -0.06
N MET A 7 18.01 19.43 -0.11
CA MET A 7 18.13 17.99 -0.26
C MET A 7 17.47 17.28 0.92
N SER A 8 17.53 17.90 2.10
CA SER A 8 16.96 17.32 3.29
C SER A 8 15.42 17.30 3.20
N LEU A 9 14.83 18.41 2.80
CA LEU A 9 13.37 18.48 2.69
C LEU A 9 12.87 17.56 1.59
N ALA A 10 13.58 17.52 0.47
CA ALA A 10 13.23 16.63 -0.62
C ALA A 10 13.34 15.17 -0.20
N SER A 11 14.37 14.85 0.58
CA SER A 11 14.58 13.50 1.08
C SER A 11 13.43 13.10 2.01
N GLN A 12 12.97 14.05 2.81
CA GLN A 12 11.84 13.84 3.70
C GLN A 12 10.57 13.57 2.90
N VAL A 13 10.34 14.37 1.86
CA VAL A 13 9.20 14.16 0.97
C VAL A 13 9.30 12.78 0.33
N VAL A 14 10.51 12.41 -0.05
CA VAL A 14 10.79 11.11 -0.62
C VAL A 14 10.44 10.00 0.39
N LYS A 15 10.76 10.23 1.66
CA LYS A 15 10.42 9.30 2.73
C LYS A 15 8.90 9.14 2.85
N LEU A 16 8.18 10.25 2.82
CA LEU A 16 6.72 10.21 2.89
C LEU A 16 6.14 9.49 1.69
N THR A 17 6.72 9.74 0.53
CA THR A 17 6.28 9.13 -0.70
C THR A 17 6.62 7.64 -0.70
N LYS A 18 7.79 7.30 -0.18
CA LYS A 18 8.20 5.91 -0.03
C LYS A 18 7.26 5.19 0.93
N GLN A 19 6.94 5.88 2.02
CA GLN A 19 6.03 5.34 3.03
C GLN A 19 4.66 5.06 2.43
N LEU A 20 4.15 6.02 1.66
CA LEU A 20 2.87 5.86 0.99
C LEU A 20 2.90 4.68 0.04
N LYS A 21 3.98 4.60 -0.74
CA LYS A 21 4.16 3.51 -1.69
C LYS A 21 4.18 2.16 -0.97
N GLU A 22 4.90 2.08 0.14
CA GLU A 22 4.96 0.85 0.94
C GLU A 22 3.59 0.55 1.55
N GLN A 23 2.90 1.58 1.99
CA GLN A 23 1.55 1.43 2.52
C GLN A 23 0.64 0.89 1.41
N THR A 24 0.93 1.29 0.18
CA THR A 24 0.13 0.87 -0.96
C THR A 24 0.38 -0.60 -1.30
N VAL A 25 1.65 -1.01 -1.36
CA VAL A 25 1.99 -2.38 -1.74
C VAL A 25 1.42 -3.40 -0.74
N GLU A 26 1.46 -3.08 0.54
CA GLU A 26 0.88 -3.96 1.55
C GLU A 26 -0.65 -3.92 1.49
N ARG A 27 -1.19 -2.74 1.18
CA ARG A 27 -2.63 -2.56 1.08
C ARG A 27 -3.20 -3.33 -0.12
N VAL A 28 -2.55 -3.24 -1.26
CA VAL A 28 -2.98 -3.98 -2.45
C VAL A 28 -2.86 -5.48 -2.20
N THR A 29 -1.81 -5.86 -1.50
CA THR A 29 -1.59 -7.24 -1.13
C THR A 29 -2.70 -7.73 -0.19
N LEU A 30 -3.11 -6.88 0.74
CA LEU A 30 -4.19 -7.20 1.66
C LEU A 30 -5.50 -7.33 0.88
N GLN A 31 -5.73 -6.41 -0.04
CA GLN A 31 -6.91 -6.47 -0.89
C GLN A 31 -6.85 -7.68 -1.80
N ASN A 32 -5.65 -8.15 -2.08
CA ASN A 32 -5.46 -9.36 -2.88
C ASN A 32 -5.87 -10.58 -2.06
N GLN A 33 -5.54 -10.55 -0.77
CA GLN A 33 -5.96 -11.60 0.14
C GLN A 33 -7.47 -11.51 0.35
N LEU A 34 -7.99 -10.29 0.37
CA LEU A 34 -9.42 -10.07 0.46
C LEU A 34 -10.09 -10.53 -0.83
N GLN A 35 -9.37 -10.39 -1.94
CA GLN A 35 -9.83 -10.88 -3.22
C GLN A 35 -9.99 -12.39 -3.16
N GLN A 36 -8.99 -13.06 -2.59
CA GLN A 36 -9.05 -14.48 -2.36
C GLN A 36 -10.21 -14.82 -1.43
N PHE A 37 -10.45 -13.93 -0.46
CA PHE A 37 -11.54 -14.08 0.48
C PHE A 37 -12.90 -13.97 -0.22
N LEU A 38 -13.07 -12.94 -1.04
CA LEU A 38 -14.32 -12.74 -1.76
C LEU A 38 -14.54 -13.87 -2.77
N GLU A 39 -13.44 -14.36 -3.34
CA GLU A 39 -13.50 -15.51 -4.24
C GLU A 39 -13.96 -16.76 -3.47
N ALA A 40 -13.47 -16.91 -2.25
CA ALA A 40 -13.90 -18.01 -1.39
C ALA A 40 -15.40 -17.91 -1.15
N GLN A 41 -15.89 -16.69 -0.94
CA GLN A 41 -17.32 -16.45 -0.79
C GLN A 41 -18.08 -16.89 -2.03
N LYS A 42 -17.47 -16.66 -3.19
CA LYS A 42 -18.07 -17.08 -4.46
C LYS A 42 -18.14 -18.60 -4.53
N SER A 43 -17.00 -19.25 -4.35
CA SER A 43 -16.92 -20.70 -4.46
C SER A 43 -17.84 -21.42 -3.48
N GLU A 44 -18.12 -20.77 -2.35
CA GLU A 44 -19.03 -21.33 -1.36
C GLU A 44 -20.47 -20.96 -1.66
N GLY A 45 -20.69 -19.70 -1.99
CA GLY A 45 -22.04 -19.20 -2.21
C GLY A 45 -22.64 -19.67 -3.52
N LYS A 46 -21.79 -20.04 -4.47
CA LYS A 46 -22.25 -20.54 -5.76
C LYS A 46 -22.81 -21.95 -5.63
N SER A 47 -22.50 -22.59 -4.51
CA SER A 47 -22.97 -23.93 -4.25
C SER A 47 -24.29 -23.89 -3.50
N LEU A 48 -25.37 -24.20 -4.20
CA LEU A 48 -26.69 -24.21 -3.60
C LEU A 48 -27.16 -25.64 -3.38
N GLY A 1 23.57 26.27 -2.51
CA GLY A 1 23.08 26.06 -3.89
C GLY A 1 23.72 24.85 -4.56
N SER A 2 24.45 24.07 -3.77
CA SER A 2 25.12 22.89 -4.28
C SER A 2 24.27 21.64 -4.05
N VAL A 3 22.94 21.84 -3.99
CA VAL A 3 22.00 20.77 -3.74
C VAL A 3 22.22 20.16 -2.35
N GLU A 4 22.93 20.91 -1.52
CA GLU A 4 23.29 20.44 -0.19
C GLU A 4 22.05 20.28 0.69
N THR A 5 21.14 21.23 0.60
CA THR A 5 19.90 21.21 1.34
C THR A 5 18.81 20.50 0.55
N CYS A 6 18.83 20.73 -0.76
CA CYS A 6 17.83 20.18 -1.65
C CYS A 6 17.91 18.66 -1.67
N MET A 7 19.11 18.11 -1.61
CA MET A 7 19.28 16.66 -1.59
C MET A 7 18.62 16.07 -0.34
N SER A 8 18.71 16.81 0.77
CA SER A 8 18.12 16.37 2.02
C SER A 8 16.58 16.42 1.96
N LEU A 9 16.03 17.52 1.47
CA LEU A 9 14.58 17.64 1.36
C LEU A 9 14.02 16.68 0.30
N ALA A 10 14.69 16.60 -0.84
CA ALA A 10 14.24 15.75 -1.94
C ALA A 10 14.21 14.28 -1.54
N SER A 11 15.26 13.83 -0.84
CA SER A 11 15.33 12.45 -0.38
C SER A 11 14.25 12.19 0.66
N GLN A 12 13.98 13.19 1.50
CA GLN A 12 12.92 13.08 2.49
C GLN A 12 11.58 12.90 1.79
N VAL A 13 11.32 13.74 0.78
CA VAL A 13 10.12 13.61 -0.03
C VAL A 13 10.07 12.22 -0.68
N VAL A 14 11.22 11.76 -1.14
CA VAL A 14 11.34 10.43 -1.73
C VAL A 14 11.00 9.35 -0.70
N LYS A 15 11.45 9.55 0.55
CA LYS A 15 11.13 8.62 1.62
C LYS A 15 9.64 8.61 1.92
N LEU A 16 9.01 9.80 1.88
CA LEU A 16 7.56 9.90 2.03
C LEU A 16 6.86 9.15 0.91
N THR A 17 7.39 9.29 -0.31
CA THR A 17 6.83 8.63 -1.47
C THR A 17 7.04 7.12 -1.36
N LYS A 18 8.19 6.72 -0.81
CA LYS A 18 8.48 5.33 -0.56
C LYS A 18 7.52 4.77 0.49
N GLN A 19 7.33 5.52 1.56
CA GLN A 19 6.45 5.13 2.65
C GLN A 19 5.01 4.97 2.14
N LEU A 20 4.57 5.91 1.32
CA LEU A 20 3.24 5.85 0.72
C LEU A 20 3.10 4.60 -0.14
N LYS A 21 4.13 4.35 -0.95
CA LYS A 21 4.14 3.18 -1.82
C LYS A 21 4.12 1.89 -1.02
N GLU A 22 4.99 1.79 -0.01
CA GLU A 22 5.06 0.60 0.83
C GLU A 22 3.75 0.38 1.59
N GLN A 23 3.14 1.49 2.01
CA GLN A 23 1.85 1.44 2.66
C GLN A 23 0.77 0.95 1.68
N THR A 24 0.85 1.40 0.45
CA THR A 24 -0.13 1.03 -0.54
C THR A 24 0.06 -0.41 -1.00
N VAL A 25 1.31 -0.87 -1.16
CA VAL A 25 1.56 -2.23 -1.60
C VAL A 25 1.05 -3.25 -0.58
N GLU A 26 1.22 -2.96 0.71
CA GLU A 26 0.68 -3.84 1.74
C GLU A 26 -0.85 -3.73 1.78
N ARG A 27 -1.35 -2.55 1.47
CA ARG A 27 -2.78 -2.28 1.44
C ARG A 27 -3.46 -3.00 0.27
N VAL A 28 -2.85 -2.93 -0.92
CA VAL A 28 -3.37 -3.65 -2.08
C VAL A 28 -3.26 -5.15 -1.87
N THR A 29 -2.16 -5.57 -1.26
CA THR A 29 -1.95 -6.96 -0.89
C THR A 29 -3.05 -7.44 0.06
N LEU A 30 -3.49 -6.57 0.95
CA LEU A 30 -4.59 -6.88 1.86
C LEU A 30 -5.88 -7.08 1.05
N GLN A 31 -6.11 -6.19 0.10
CA GLN A 31 -7.24 -6.32 -0.81
C GLN A 31 -7.07 -7.56 -1.70
N ASN A 32 -5.83 -7.92 -1.96
CA ASN A 32 -5.51 -9.14 -2.69
C ASN A 32 -5.87 -10.36 -1.84
N GLN A 33 -5.60 -10.27 -0.55
CA GLN A 33 -6.01 -11.31 0.39
C GLN A 33 -7.53 -11.41 0.39
N LEU A 34 -8.18 -10.25 0.31
CA LEU A 34 -9.63 -10.19 0.24
C LEU A 34 -10.12 -10.72 -1.11
N GLN A 35 -9.35 -10.47 -2.15
CA GLN A 35 -9.62 -11.02 -3.48
C GLN A 35 -9.60 -12.53 -3.41
N GLN A 36 -8.58 -13.07 -2.76
CA GLN A 36 -8.47 -14.50 -2.53
C GLN A 36 -9.62 -14.98 -1.64
N PHE A 37 -10.03 -14.11 -0.72
CA PHE A 37 -11.14 -14.41 0.18
C PHE A 37 -12.45 -14.54 -0.61
N LEU A 38 -12.74 -13.57 -1.45
CA LEU A 38 -13.97 -13.61 -2.26
C LEU A 38 -13.93 -14.78 -3.23
N GLU A 39 -12.75 -15.03 -3.79
CA GLU A 39 -12.55 -16.19 -4.65
C GLU A 39 -12.70 -17.49 -3.87
N ALA A 40 -12.27 -17.48 -2.61
CA ALA A 40 -12.47 -18.63 -1.74
C ALA A 40 -13.96 -18.88 -1.54
N GLN A 41 -14.73 -17.81 -1.51
CA GLN A 41 -16.19 -17.91 -1.46
C GLN A 41 -16.71 -18.50 -2.77
N LYS A 42 -16.14 -18.03 -3.88
CA LYS A 42 -16.50 -18.54 -5.20
C LYS A 42 -16.17 -20.02 -5.30
N SER A 43 -15.03 -20.41 -4.74
CA SER A 43 -14.60 -21.80 -4.72
C SER A 43 -15.67 -22.69 -4.08
N GLU A 44 -16.34 -22.17 -3.07
CA GLU A 44 -17.40 -22.90 -2.39
C GLU A 44 -18.69 -22.82 -3.20
N GLY A 45 -19.02 -21.62 -3.64
CA GLY A 45 -20.25 -21.38 -4.37
C GLY A 45 -20.30 -22.07 -5.72
N LYS A 46 -19.14 -22.29 -6.32
CA LYS A 46 -19.07 -22.96 -7.61
C LYS A 46 -19.31 -24.46 -7.46
N SER A 47 -19.27 -24.92 -6.23
CA SER A 47 -19.54 -26.32 -5.93
C SER A 47 -20.99 -26.48 -5.47
N LEU A 48 -21.43 -25.55 -4.64
CA LEU A 48 -22.80 -25.56 -4.13
C LEU A 48 -23.20 -24.13 -3.76
N GLY A 1 21.48 30.21 -3.14
CA GLY A 1 21.47 28.86 -3.75
C GLY A 1 20.12 28.22 -3.69
N SER A 2 19.80 27.40 -4.69
CA SER A 2 18.52 26.74 -4.76
C SER A 2 18.66 25.23 -4.56
N VAL A 3 19.89 24.73 -4.66
CA VAL A 3 20.16 23.31 -4.48
C VAL A 3 19.72 22.87 -3.09
N GLU A 4 20.01 23.70 -2.09
CA GLU A 4 19.61 23.42 -0.72
C GLU A 4 18.09 23.21 -0.62
N THR A 5 17.34 24.05 -1.32
CA THR A 5 15.90 23.98 -1.31
C THR A 5 15.42 22.69 -1.99
N CYS A 6 15.91 22.44 -3.20
CA CYS A 6 15.51 21.27 -3.97
C CYS A 6 15.88 19.97 -3.26
N MET A 7 17.03 19.97 -2.61
CA MET A 7 17.48 18.80 -1.86
C MET A 7 16.50 18.51 -0.72
N SER A 8 16.06 19.56 -0.05
CA SER A 8 15.17 19.44 1.09
C SER A 8 13.80 18.93 0.66
N LEU A 9 13.24 19.53 -0.40
CA LEU A 9 11.93 19.15 -0.88
C LEU A 9 11.93 17.73 -1.46
N ALA A 10 12.96 17.39 -2.21
CA ALA A 10 13.07 16.07 -2.82
C ALA A 10 13.14 14.99 -1.75
N SER A 11 13.93 15.24 -0.70
CA SER A 11 14.05 14.31 0.41
C SER A 11 12.71 14.17 1.12
N GLN A 12 12.01 15.28 1.26
CA GLN A 12 10.69 15.31 1.87
C GLN A 12 9.72 14.47 1.05
N VAL A 13 9.71 14.70 -0.26
CA VAL A 13 8.87 13.95 -1.17
C VAL A 13 9.24 12.47 -1.14
N VAL A 14 10.53 12.19 -1.07
CA VAL A 14 11.02 10.82 -1.02
C VAL A 14 10.49 10.10 0.22
N LYS A 15 10.45 10.80 1.35
CA LYS A 15 9.92 10.23 2.58
C LYS A 15 8.40 10.01 2.47
N LEU A 16 7.69 10.99 1.92
CA LEU A 16 6.25 10.84 1.69
C LEU A 16 5.98 9.70 0.72
N THR A 17 6.79 9.64 -0.33
CA THR A 17 6.64 8.65 -1.37
C THR A 17 6.97 7.26 -0.83
N LYS A 18 7.98 7.19 0.02
CA LYS A 18 8.36 5.93 0.65
C LYS A 18 7.21 5.39 1.48
N GLN A 19 6.59 6.27 2.27
CA GLN A 19 5.46 5.89 3.10
C GLN A 19 4.31 5.41 2.23
N LEU A 20 3.98 6.17 1.20
CA LEU A 20 2.90 5.84 0.30
C LEU A 20 3.15 4.50 -0.38
N LYS A 21 4.38 4.33 -0.85
CA LYS A 21 4.79 3.13 -1.57
C LYS A 21 4.56 1.88 -0.72
N GLU A 22 5.02 1.92 0.52
CA GLU A 22 4.95 0.75 1.40
C GLU A 22 3.53 0.47 1.85
N GLN A 23 2.83 1.51 2.25
CA GLN A 23 1.46 1.36 2.72
C GLN A 23 0.56 0.83 1.61
N THR A 24 0.86 1.24 0.38
CA THR A 24 0.06 0.81 -0.76
C THR A 24 0.37 -0.63 -1.15
N VAL A 25 1.65 -1.00 -1.21
CA VAL A 25 2.03 -2.34 -1.66
C VAL A 25 1.44 -3.42 -0.74
N GLU A 26 1.45 -3.17 0.56
CA GLU A 26 0.84 -4.11 1.49
C GLU A 26 -0.68 -4.05 1.41
N ARG A 27 -1.22 -2.85 1.20
CA ARG A 27 -2.67 -2.67 1.12
C ARG A 27 -3.24 -3.36 -0.11
N VAL A 28 -2.60 -3.20 -1.26
CA VAL A 28 -3.04 -3.86 -2.49
C VAL A 28 -2.93 -5.37 -2.35
N THR A 29 -1.85 -5.81 -1.71
CA THR A 29 -1.64 -7.21 -1.43
C THR A 29 -2.73 -7.74 -0.47
N LEU A 30 -3.10 -6.90 0.50
CA LEU A 30 -4.16 -7.24 1.44
C LEU A 30 -5.50 -7.35 0.71
N GLN A 31 -5.74 -6.41 -0.20
CA GLN A 31 -6.94 -6.45 -1.04
C GLN A 31 -6.90 -7.65 -1.97
N ASN A 32 -5.70 -8.03 -2.38
CA ASN A 32 -5.50 -9.24 -3.17
C ASN A 32 -5.91 -10.46 -2.35
N GLN A 33 -5.53 -10.46 -1.08
CA GLN A 33 -5.92 -11.49 -0.14
C GLN A 33 -7.41 -11.45 0.11
N LEU A 34 -7.94 -10.24 0.23
CA LEU A 34 -9.37 -10.05 0.45
C LEU A 34 -10.16 -10.50 -0.78
N GLN A 35 -9.56 -10.31 -1.95
CA GLN A 35 -10.13 -10.81 -3.19
C GLN A 35 -10.20 -12.33 -3.15
N GLN A 36 -9.11 -12.95 -2.69
CA GLN A 36 -9.06 -14.37 -2.44
C GLN A 36 -10.10 -14.76 -1.39
N PHE A 37 -10.23 -13.90 -0.39
CA PHE A 37 -11.13 -14.14 0.73
C PHE A 37 -12.60 -14.08 0.30
N LEU A 38 -12.97 -13.05 -0.46
CA LEU A 38 -14.33 -12.92 -0.96
C LEU A 38 -14.65 -14.06 -1.91
N GLU A 39 -13.65 -14.48 -2.66
CA GLU A 39 -13.78 -15.64 -3.51
C GLU A 39 -13.86 -16.93 -2.70
N ALA A 40 -13.14 -16.97 -1.59
CA ALA A 40 -13.23 -18.08 -0.66
C ALA A 40 -14.64 -18.18 -0.10
N GLN A 41 -15.27 -17.01 0.10
CA GLN A 41 -16.66 -16.96 0.52
C GLN A 41 -17.54 -17.58 -0.57
N LYS A 42 -17.21 -17.27 -1.82
CA LYS A 42 -17.88 -17.89 -2.96
C LYS A 42 -17.74 -19.40 -2.86
N SER A 43 -16.51 -19.87 -2.66
CA SER A 43 -16.22 -21.29 -2.58
C SER A 43 -17.04 -21.98 -1.48
N GLU A 44 -17.21 -21.31 -0.36
CA GLU A 44 -18.00 -21.85 0.74
C GLU A 44 -19.47 -21.93 0.36
N GLY A 45 -19.95 -20.92 -0.36
CA GLY A 45 -21.35 -20.87 -0.75
C GLY A 45 -21.64 -21.74 -1.96
N LYS A 46 -20.73 -21.76 -2.92
CA LYS A 46 -20.90 -22.52 -4.15
C LYS A 46 -20.67 -24.01 -3.91
N SER A 47 -20.17 -24.33 -2.73
CA SER A 47 -20.01 -25.72 -2.33
C SER A 47 -21.37 -26.40 -2.30
N LEU A 48 -22.24 -25.94 -1.41
CA LEU A 48 -23.63 -26.39 -1.33
C LEU A 48 -24.33 -25.67 -0.18
N GLY A 1 22.63 23.86 11.40
CA GLY A 1 22.37 25.09 10.62
C GLY A 1 21.30 24.88 9.56
N SER A 2 21.57 25.36 8.36
CA SER A 2 20.60 25.33 7.27
C SER A 2 20.58 23.96 6.57
N VAL A 3 21.76 23.42 6.30
CA VAL A 3 21.84 22.12 5.63
C VAL A 3 21.32 21.03 6.58
N GLU A 4 21.42 21.31 7.87
CA GLU A 4 20.83 20.47 8.90
C GLU A 4 19.33 20.34 8.67
N THR A 5 18.68 21.46 8.39
CA THR A 5 17.27 21.49 8.07
C THR A 5 16.99 20.70 6.80
N CYS A 6 17.80 20.93 5.77
CA CYS A 6 17.62 20.27 4.48
C CYS A 6 17.69 18.75 4.62
N MET A 7 18.70 18.28 5.34
CA MET A 7 18.83 16.84 5.59
C MET A 7 17.65 16.32 6.38
N SER A 8 17.16 17.13 7.31
CA SER A 8 16.04 16.74 8.16
C SER A 8 14.75 16.63 7.33
N LEU A 9 14.47 17.64 6.52
CA LEU A 9 13.27 17.64 5.71
C LEU A 9 13.31 16.57 4.62
N ALA A 10 14.46 16.43 3.97
CA ALA A 10 14.62 15.48 2.87
C ALA A 10 14.39 14.04 3.34
N SER A 11 14.97 13.68 4.47
CA SER A 11 14.80 12.34 5.02
C SER A 11 13.35 12.13 5.47
N GLN A 12 12.74 13.19 6.00
CA GLN A 12 11.34 13.14 6.38
C GLN A 12 10.47 12.89 5.16
N VAL A 13 10.71 13.65 4.10
CA VAL A 13 9.98 13.49 2.84
C VAL A 13 10.19 12.08 2.27
N VAL A 14 11.42 11.60 2.37
CA VAL A 14 11.76 10.26 1.92
C VAL A 14 10.97 9.22 2.72
N LYS A 15 10.86 9.43 4.02
CA LYS A 15 10.10 8.53 4.87
C LYS A 15 8.61 8.58 4.54
N LEU A 16 8.09 9.77 4.27
CA LEU A 16 6.69 9.92 3.90
C LEU A 16 6.39 9.24 2.58
N THR A 17 7.23 9.51 1.58
CA THR A 17 7.01 8.96 0.25
C THR A 17 7.16 7.44 0.24
N LYS A 18 8.11 6.94 1.02
CA LYS A 18 8.31 5.50 1.13
C LYS A 18 7.13 4.87 1.88
N GLN A 19 6.66 5.59 2.90
CA GLN A 19 5.52 5.14 3.69
C GLN A 19 4.29 5.01 2.82
N LEU A 20 4.07 6.01 1.97
CA LEU A 20 2.93 6.02 1.06
C LEU A 20 2.99 4.83 0.12
N LYS A 21 4.17 4.60 -0.43
CA LYS A 21 4.39 3.51 -1.37
C LYS A 21 4.31 2.14 -0.69
N GLU A 22 4.98 2.00 0.46
CA GLU A 22 4.92 0.74 1.21
C GLU A 22 3.50 0.44 1.66
N GLN A 23 2.76 1.48 2.03
CA GLN A 23 1.36 1.34 2.39
C GLN A 23 0.56 0.82 1.20
N THR A 24 0.84 1.36 0.03
CA THR A 24 0.10 0.99 -1.17
C THR A 24 0.39 -0.46 -1.56
N VAL A 25 1.66 -0.86 -1.55
CA VAL A 25 2.03 -2.20 -1.98
C VAL A 25 1.44 -3.27 -1.06
N GLU A 26 1.42 -3.03 0.24
CA GLU A 26 0.80 -3.98 1.14
C GLU A 26 -0.71 -3.93 1.03
N ARG A 27 -1.25 -2.74 0.76
CA ARG A 27 -2.70 -2.57 0.62
C ARG A 27 -3.23 -3.27 -0.63
N VAL A 28 -2.52 -3.16 -1.75
CA VAL A 28 -2.91 -3.85 -2.97
C VAL A 28 -2.80 -5.36 -2.78
N THR A 29 -1.75 -5.77 -2.08
CA THR A 29 -1.56 -7.17 -1.72
C THR A 29 -2.68 -7.62 -0.79
N LEU A 30 -3.07 -6.74 0.13
CA LEU A 30 -4.18 -7.00 1.03
C LEU A 30 -5.46 -7.19 0.23
N GLN A 31 -5.62 -6.39 -0.82
CA GLN A 31 -6.75 -6.53 -1.73
C GLN A 31 -6.77 -7.92 -2.36
N ASN A 32 -5.59 -8.44 -2.66
CA ASN A 32 -5.48 -9.80 -3.20
C ASN A 32 -5.87 -10.81 -2.12
N GLN A 33 -5.47 -10.54 -0.88
CA GLN A 33 -5.86 -11.37 0.25
C GLN A 33 -7.37 -11.26 0.47
N LEU A 34 -7.90 -10.06 0.30
CA LEU A 34 -9.33 -9.82 0.42
C LEU A 34 -10.06 -10.48 -0.74
N GLN A 35 -9.41 -10.53 -1.89
CA GLN A 35 -9.95 -11.21 -3.05
C GLN A 35 -10.14 -12.68 -2.72
N GLN A 36 -9.11 -13.28 -2.13
CA GLN A 36 -9.18 -14.65 -1.66
C GLN A 36 -10.23 -14.78 -0.55
N PHE A 37 -10.37 -13.73 0.24
CA PHE A 37 -11.37 -13.69 1.29
C PHE A 37 -12.79 -13.73 0.70
N LEU A 38 -13.06 -12.90 -0.30
CA LEU A 38 -14.35 -12.95 -1.00
C LEU A 38 -14.51 -14.27 -1.75
N GLU A 39 -13.41 -14.76 -2.31
CA GLU A 39 -13.40 -16.07 -2.96
C GLU A 39 -13.79 -17.17 -1.96
N ALA A 40 -13.36 -17.01 -0.73
CA ALA A 40 -13.73 -17.92 0.35
C ALA A 40 -15.22 -17.82 0.66
N GLN A 41 -15.75 -16.60 0.58
CA GLN A 41 -17.18 -16.39 0.79
C GLN A 41 -17.97 -17.09 -0.31
N LYS A 42 -17.38 -17.12 -1.50
CA LYS A 42 -17.94 -17.86 -2.60
C LYS A 42 -17.97 -19.35 -2.26
N SER A 43 -16.87 -19.85 -1.73
CA SER A 43 -16.80 -21.22 -1.26
C SER A 43 -17.88 -21.50 -0.22
N GLU A 44 -18.07 -20.55 0.70
CA GLU A 44 -19.10 -20.68 1.71
C GLU A 44 -20.49 -20.71 1.08
N GLY A 45 -20.73 -19.78 0.17
CA GLY A 45 -22.02 -19.66 -0.48
C GLY A 45 -22.33 -20.83 -1.41
N LYS A 46 -21.32 -21.32 -2.11
CA LYS A 46 -21.51 -22.45 -3.02
C LYS A 46 -21.69 -23.75 -2.25
N SER A 47 -21.23 -23.78 -1.01
CA SER A 47 -21.31 -24.98 -0.19
C SER A 47 -22.76 -25.22 0.26
N LEU A 48 -23.42 -24.16 0.69
CA LEU A 48 -24.80 -24.25 1.11
C LEU A 48 -25.65 -23.17 0.42
N GLY A 1 25.41 26.32 2.80
CA GLY A 1 24.16 27.11 2.85
C GLY A 1 23.14 26.61 1.85
N SER A 2 21.86 26.75 2.20
CA SER A 2 20.72 26.40 1.34
C SER A 2 20.60 24.88 1.13
N VAL A 3 21.64 24.26 0.58
CA VAL A 3 21.63 22.82 0.32
C VAL A 3 21.37 22.02 1.59
N GLU A 4 21.84 22.56 2.71
CA GLU A 4 21.65 21.96 4.02
C GLU A 4 20.16 21.73 4.30
N THR A 5 19.34 22.70 3.96
CA THR A 5 17.91 22.61 4.19
C THR A 5 17.24 21.77 3.11
N CYS A 6 17.68 21.94 1.87
CA CYS A 6 17.07 21.29 0.72
C CYS A 6 17.30 19.78 0.76
N MET A 7 18.47 19.37 1.24
CA MET A 7 18.77 17.95 1.38
C MET A 7 17.80 17.32 2.38
N SER A 8 17.46 18.08 3.42
CA SER A 8 16.56 17.61 4.46
C SER A 8 15.13 17.47 3.94
N LEU A 9 14.65 18.49 3.23
CA LEU A 9 13.29 18.45 2.70
C LEU A 9 13.14 17.38 1.62
N ALA A 10 14.16 17.25 0.78
CA ALA A 10 14.14 16.24 -0.28
C ALA A 10 14.13 14.82 0.29
N SER A 11 14.93 14.58 1.32
CA SER A 11 14.96 13.27 1.97
C SER A 11 13.64 13.02 2.70
N GLN A 12 13.07 14.07 3.25
CA GLN A 12 11.75 14.00 3.89
C GLN A 12 10.70 13.57 2.87
N VAL A 13 10.73 14.18 1.70
CA VAL A 13 9.86 13.78 0.60
C VAL A 13 10.10 12.31 0.24
N VAL A 14 11.37 11.92 0.26
CA VAL A 14 11.75 10.55 -0.02
C VAL A 14 11.14 9.59 1.01
N LYS A 15 11.18 9.97 2.29
CA LYS A 15 10.55 9.17 3.34
C LYS A 15 9.04 9.12 3.14
N LEU A 16 8.45 10.24 2.77
CA LEU A 16 7.02 10.32 2.52
C LEU A 16 6.64 9.40 1.36
N THR A 17 7.39 9.48 0.28
CA THR A 17 7.16 8.67 -0.89
C THR A 17 7.28 7.18 -0.57
N LYS A 18 8.25 6.85 0.28
CA LYS A 18 8.47 5.47 0.70
C LYS A 18 7.27 4.96 1.50
N GLN A 19 6.83 5.76 2.46
CA GLN A 19 5.71 5.38 3.31
C GLN A 19 4.43 5.23 2.48
N LEU A 20 4.26 6.09 1.49
CA LEU A 20 3.12 6.01 0.59
C LEU A 20 3.17 4.72 -0.22
N LYS A 21 4.35 4.42 -0.76
CA LYS A 21 4.54 3.20 -1.53
C LYS A 21 4.30 1.95 -0.69
N GLU A 22 4.91 1.91 0.49
CA GLU A 22 4.80 0.73 1.35
C GLU A 22 3.37 0.55 1.85
N GLN A 23 2.69 1.64 2.13
CA GLN A 23 1.28 1.59 2.51
C GLN A 23 0.45 1.01 1.38
N THR A 24 0.76 1.42 0.16
CA THR A 24 0.00 1.00 -0.99
C THR A 24 0.27 -0.46 -1.33
N VAL A 25 1.55 -0.86 -1.34
CA VAL A 25 1.93 -2.21 -1.71
C VAL A 25 1.33 -3.25 -0.76
N GLU A 26 1.31 -2.94 0.54
CA GLU A 26 0.70 -3.85 1.50
C GLU A 26 -0.82 -3.83 1.36
N ARG A 27 -1.36 -2.66 1.03
CA ARG A 27 -2.80 -2.50 0.87
C ARG A 27 -3.32 -3.25 -0.35
N VAL A 28 -2.62 -3.13 -1.47
CA VAL A 28 -3.01 -3.85 -2.68
C VAL A 28 -2.86 -5.35 -2.47
N THR A 29 -1.81 -5.73 -1.78
CA THR A 29 -1.57 -7.13 -1.44
C THR A 29 -2.66 -7.64 -0.48
N LEU A 30 -3.05 -6.80 0.47
CA LEU A 30 -4.13 -7.12 1.39
C LEU A 30 -5.41 -7.33 0.61
N GLN A 31 -5.69 -6.43 -0.32
CA GLN A 31 -6.86 -6.54 -1.17
C GLN A 31 -6.79 -7.78 -2.05
N ASN A 32 -5.58 -8.21 -2.37
CA ASN A 32 -5.38 -9.46 -3.11
C ASN A 32 -5.79 -10.65 -2.26
N GLN A 33 -5.37 -10.64 -1.00
CA GLN A 33 -5.75 -11.69 -0.06
C GLN A 33 -7.25 -11.63 0.18
N LEU A 34 -7.77 -10.41 0.33
CA LEU A 34 -9.18 -10.19 0.54
C LEU A 34 -9.97 -10.62 -0.70
N GLN A 35 -9.36 -10.46 -1.87
CA GLN A 35 -9.95 -10.92 -3.11
C GLN A 35 -10.20 -12.43 -3.06
N GLN A 36 -9.19 -13.16 -2.62
CA GLN A 36 -9.32 -14.59 -2.41
C GLN A 36 -10.35 -14.88 -1.32
N PHE A 37 -10.40 -14.00 -0.33
CA PHE A 37 -11.31 -14.14 0.79
C PHE A 37 -12.77 -13.92 0.37
N LEU A 38 -13.03 -12.87 -0.40
CA LEU A 38 -14.38 -12.58 -0.86
C LEU A 38 -14.89 -13.69 -1.78
N GLU A 39 -14.00 -14.21 -2.62
CA GLU A 39 -14.34 -15.32 -3.49
C GLU A 39 -14.60 -16.58 -2.67
N ALA A 40 -13.85 -16.74 -1.59
CA ALA A 40 -14.09 -17.83 -0.65
C ALA A 40 -15.51 -17.72 -0.08
N GLN A 41 -15.92 -16.49 0.21
CA GLN A 41 -17.29 -16.24 0.67
C GLN A 41 -18.29 -16.63 -0.40
N LYS A 42 -17.99 -16.26 -1.65
CA LYS A 42 -18.82 -16.66 -2.79
C LYS A 42 -18.93 -18.19 -2.85
N SER A 43 -17.80 -18.85 -2.68
CA SER A 43 -17.75 -20.31 -2.73
C SER A 43 -18.60 -20.94 -1.62
N GLU A 44 -18.66 -20.28 -0.47
CA GLU A 44 -19.48 -20.76 0.63
C GLU A 44 -20.94 -20.40 0.42
N GLY A 45 -21.16 -19.20 -0.09
CA GLY A 45 -22.51 -18.73 -0.34
C GLY A 45 -23.20 -19.51 -1.44
N LYS A 46 -22.46 -19.84 -2.50
CA LYS A 46 -23.01 -20.59 -3.62
C LYS A 46 -23.33 -22.03 -3.20
N SER A 47 -22.79 -22.43 -2.06
CA SER A 47 -23.03 -23.76 -1.52
C SER A 47 -24.39 -23.78 -0.80
N LEU A 48 -25.45 -23.80 -1.58
CA LEU A 48 -26.80 -23.84 -1.05
C LEU A 48 -27.68 -24.65 -2.00
N GLY A 1 13.02 28.23 -6.00
CA GLY A 1 14.10 27.61 -6.82
C GLY A 1 15.45 27.64 -6.13
N SER A 2 15.48 27.24 -4.87
CA SER A 2 16.72 27.14 -4.13
C SER A 2 17.00 25.68 -3.80
N VAL A 3 18.23 25.24 -4.07
CA VAL A 3 18.60 23.85 -3.89
C VAL A 3 18.60 23.44 -2.43
N GLU A 4 18.96 24.40 -1.56
CA GLU A 4 19.02 24.14 -0.14
C GLU A 4 17.66 23.73 0.39
N THR A 5 16.67 24.53 0.06
CA THR A 5 15.30 24.27 0.45
C THR A 5 14.70 23.12 -0.34
N CYS A 6 14.94 23.12 -1.65
CA CYS A 6 14.41 22.08 -2.55
C CYS A 6 14.83 20.69 -2.09
N MET A 7 16.12 20.50 -1.83
CA MET A 7 16.60 19.20 -1.38
C MET A 7 16.00 18.84 -0.04
N SER A 8 15.75 19.84 0.81
CA SER A 8 15.16 19.60 2.11
C SER A 8 13.70 19.16 1.99
N LEU A 9 12.91 19.88 1.20
CA LEU A 9 11.52 19.52 1.00
C LEU A 9 11.38 18.21 0.22
N ALA A 10 12.21 18.05 -0.79
CA ALA A 10 12.17 16.86 -1.64
C ALA A 10 12.49 15.61 -0.84
N SER A 11 13.51 15.68 0.02
CA SER A 11 13.89 14.53 0.83
C SER A 11 12.81 14.18 1.83
N GLN A 12 12.16 15.20 2.41
CA GLN A 12 11.06 14.96 3.32
C GLN A 12 9.92 14.27 2.59
N VAL A 13 9.56 14.81 1.42
CA VAL A 13 8.54 14.22 0.56
C VAL A 13 8.91 12.79 0.18
N VAL A 14 10.19 12.56 -0.07
CA VAL A 14 10.69 11.24 -0.42
C VAL A 14 10.42 10.23 0.70
N LYS A 15 10.61 10.66 1.95
CA LYS A 15 10.29 9.79 3.07
C LYS A 15 8.77 9.55 3.17
N LEU A 16 7.99 10.59 2.89
CA LEU A 16 6.54 10.45 2.89
C LEU A 16 6.08 9.51 1.80
N THR A 17 6.58 9.73 0.59
CA THR A 17 6.19 8.92 -0.55
C THR A 17 6.67 7.47 -0.38
N LYS A 18 7.81 7.30 0.29
CA LYS A 18 8.33 5.98 0.59
C LYS A 18 7.32 5.20 1.44
N GLN A 19 6.82 5.86 2.48
CA GLN A 19 5.84 5.25 3.36
C GLN A 19 4.54 4.99 2.60
N LEU A 20 4.14 5.96 1.79
CA LEU A 20 2.93 5.84 0.99
C LEU A 20 3.00 4.66 0.02
N LYS A 21 4.13 4.53 -0.65
CA LYS A 21 4.35 3.42 -1.56
C LYS A 21 4.31 2.08 -0.84
N GLU A 22 4.93 2.01 0.34
CA GLU A 22 4.87 0.81 1.15
C GLU A 22 3.43 0.57 1.63
N GLN A 23 2.74 1.64 1.95
CA GLN A 23 1.33 1.57 2.31
C GLN A 23 0.51 1.02 1.15
N THR A 24 0.88 1.41 -0.06
CA THR A 24 0.20 0.97 -1.27
C THR A 24 0.44 -0.52 -1.52
N VAL A 25 1.69 -0.94 -1.47
CA VAL A 25 2.04 -2.33 -1.78
C VAL A 25 1.43 -3.31 -0.78
N GLU A 26 1.40 -2.94 0.50
CA GLU A 26 0.78 -3.80 1.50
C GLU A 26 -0.74 -3.78 1.35
N ARG A 27 -1.28 -2.63 0.92
CA ARG A 27 -2.70 -2.48 0.72
C ARG A 27 -3.18 -3.33 -0.45
N VAL A 28 -2.47 -3.28 -1.58
CA VAL A 28 -2.84 -4.08 -2.74
C VAL A 28 -2.72 -5.57 -2.41
N THR A 29 -1.68 -5.90 -1.66
CA THR A 29 -1.45 -7.28 -1.23
C THR A 29 -2.57 -7.74 -0.29
N LEU A 30 -3.03 -6.84 0.58
CA LEU A 30 -4.11 -7.14 1.50
C LEU A 30 -5.41 -7.31 0.72
N GLN A 31 -5.64 -6.41 -0.22
CA GLN A 31 -6.82 -6.51 -1.08
C GLN A 31 -6.79 -7.79 -1.90
N ASN A 32 -5.58 -8.23 -2.25
CA ASN A 32 -5.40 -9.49 -2.96
C ASN A 32 -5.87 -10.66 -2.07
N GLN A 33 -5.47 -10.61 -0.81
CA GLN A 33 -5.89 -11.63 0.16
C GLN A 33 -7.40 -11.55 0.37
N LEU A 34 -7.92 -10.33 0.41
CA LEU A 34 -9.36 -10.10 0.57
C LEU A 34 -10.11 -10.54 -0.68
N GLN A 35 -9.50 -10.35 -1.83
CA GLN A 35 -10.08 -10.74 -3.09
C GLN A 35 -10.25 -12.25 -3.12
N GLN A 36 -9.24 -12.95 -2.65
CA GLN A 36 -9.31 -14.39 -2.49
C GLN A 36 -10.29 -14.76 -1.39
N PHE A 37 -10.40 -13.90 -0.38
CA PHE A 37 -11.33 -14.09 0.72
C PHE A 37 -12.78 -14.07 0.23
N LEU A 38 -13.13 -13.07 -0.58
CA LEU A 38 -14.47 -12.98 -1.14
C LEU A 38 -14.74 -14.17 -2.06
N GLU A 39 -13.70 -14.61 -2.76
CA GLU A 39 -13.79 -15.81 -3.58
C GLU A 39 -13.97 -17.06 -2.70
N ALA A 40 -13.32 -17.05 -1.55
CA ALA A 40 -13.46 -18.14 -0.58
C ALA A 40 -14.89 -18.22 -0.08
N GLN A 41 -15.51 -17.06 0.14
CA GLN A 41 -16.91 -17.00 0.53
C GLN A 41 -17.79 -17.66 -0.52
N LYS A 42 -17.39 -17.51 -1.78
CA LYS A 42 -18.08 -18.16 -2.90
C LYS A 42 -17.88 -19.65 -2.85
N SER A 43 -16.65 -20.07 -2.54
CA SER A 43 -16.33 -21.49 -2.41
C SER A 43 -17.11 -22.09 -1.23
N GLU A 44 -17.44 -21.26 -0.26
CA GLU A 44 -18.28 -21.68 0.85
C GLU A 44 -19.75 -21.71 0.42
N GLY A 45 -20.16 -20.68 -0.31
CA GLY A 45 -21.54 -20.54 -0.73
C GLY A 45 -21.95 -21.56 -1.78
N LYS A 46 -21.02 -21.95 -2.64
CA LYS A 46 -21.28 -22.97 -3.64
C LYS A 46 -21.57 -24.32 -2.97
N SER A 47 -21.13 -24.45 -1.74
CA SER A 47 -21.34 -25.67 -0.97
C SER A 47 -22.55 -25.50 -0.06
N LEU A 48 -23.28 -24.41 -0.25
CA LEU A 48 -24.48 -24.13 0.53
C LEU A 48 -25.70 -24.34 -0.35
N GLY A 1 15.92 28.82 -5.78
CA GLY A 1 16.41 27.82 -4.79
C GLY A 1 17.83 27.40 -5.08
N SER A 2 18.66 27.38 -4.04
CA SER A 2 20.06 27.02 -4.20
C SER A 2 20.28 25.52 -4.01
N VAL A 3 19.27 24.72 -4.37
CA VAL A 3 19.32 23.26 -4.27
C VAL A 3 19.26 22.78 -2.82
N GLU A 4 20.15 23.29 -2.00
CA GLU A 4 20.29 22.84 -0.61
C GLU A 4 18.97 22.97 0.16
N THR A 5 18.26 24.07 -0.05
CA THR A 5 17.01 24.33 0.65
C THR A 5 15.86 23.53 0.05
N CYS A 6 16.09 22.98 -1.14
CA CYS A 6 15.10 22.11 -1.77
C CYS A 6 15.41 20.67 -1.39
N MET A 7 16.69 20.38 -1.29
CA MET A 7 17.17 19.06 -0.88
C MET A 7 16.58 18.65 0.46
N SER A 8 16.36 19.64 1.33
CA SER A 8 15.79 19.39 2.63
C SER A 8 14.30 18.98 2.53
N LEU A 9 13.52 19.75 1.78
CA LEU A 9 12.11 19.43 1.59
C LEU A 9 11.92 18.17 0.77
N ALA A 10 12.74 18.02 -0.26
CA ALA A 10 12.67 16.87 -1.16
C ALA A 10 12.90 15.57 -0.42
N SER A 11 13.89 15.55 0.47
CA SER A 11 14.18 14.36 1.25
C SER A 11 13.04 14.03 2.20
N GLN A 12 12.40 15.07 2.74
CA GLN A 12 11.21 14.86 3.57
C GLN A 12 10.11 14.21 2.75
N VAL A 13 9.87 14.74 1.55
CA VAL A 13 8.90 14.17 0.63
C VAL A 13 9.25 12.73 0.30
N VAL A 14 10.55 12.47 0.15
CA VAL A 14 11.06 11.15 -0.16
C VAL A 14 10.67 10.15 0.92
N LYS A 15 10.73 10.56 2.18
CA LYS A 15 10.29 9.69 3.27
C LYS A 15 8.79 9.44 3.20
N LEU A 16 8.03 10.48 2.89
CA LEU A 16 6.57 10.34 2.77
C LEU A 16 6.20 9.43 1.60
N THR A 17 6.79 9.68 0.44
CA THR A 17 6.46 8.93 -0.76
C THR A 17 6.82 7.46 -0.60
N LYS A 18 7.89 7.18 0.13
CA LYS A 18 8.30 5.80 0.36
C LYS A 18 7.29 5.10 1.27
N GLN A 19 6.91 5.76 2.35
CA GLN A 19 5.95 5.21 3.29
C GLN A 19 4.60 4.99 2.61
N LEU A 20 4.20 5.96 1.80
CA LEU A 20 2.96 5.85 1.04
C LEU A 20 3.01 4.67 0.09
N LYS A 21 4.14 4.53 -0.59
CA LYS A 21 4.37 3.40 -1.48
C LYS A 21 4.27 2.09 -0.72
N GLU A 22 4.90 2.04 0.45
CA GLU A 22 4.85 0.85 1.29
C GLU A 22 3.42 0.55 1.72
N GLN A 23 2.68 1.58 2.11
CA GLN A 23 1.28 1.42 2.47
C GLN A 23 0.47 0.93 1.28
N THR A 24 0.85 1.35 0.09
CA THR A 24 0.15 0.94 -1.12
C THR A 24 0.40 -0.53 -1.43
N VAL A 25 1.66 -0.95 -1.40
CA VAL A 25 2.02 -2.31 -1.77
C VAL A 25 1.42 -3.34 -0.81
N GLU A 26 1.40 -3.05 0.47
CA GLU A 26 0.78 -3.95 1.43
C GLU A 26 -0.74 -3.90 1.32
N ARG A 27 -1.26 -2.73 0.98
CA ARG A 27 -2.71 -2.55 0.82
C ARG A 27 -3.23 -3.31 -0.40
N VAL A 28 -2.52 -3.21 -1.52
CA VAL A 28 -2.92 -3.96 -2.72
C VAL A 28 -2.83 -5.46 -2.45
N THR A 29 -1.79 -5.84 -1.73
CA THR A 29 -1.61 -7.22 -1.30
C THR A 29 -2.75 -7.66 -0.37
N LEU A 30 -3.18 -6.74 0.48
CA LEU A 30 -4.30 -7.00 1.38
C LEU A 30 -5.57 -7.19 0.56
N GLN A 31 -5.77 -6.33 -0.42
CA GLN A 31 -6.91 -6.45 -1.33
C GLN A 31 -6.82 -7.74 -2.13
N ASN A 32 -5.59 -8.16 -2.43
CA ASN A 32 -5.34 -9.43 -3.10
C ASN A 32 -5.78 -10.59 -2.20
N GLN A 33 -5.44 -10.50 -0.92
CA GLN A 33 -5.85 -11.49 0.05
C GLN A 33 -7.36 -11.43 0.26
N LEU A 34 -7.90 -10.21 0.25
CA LEU A 34 -9.33 -10.01 0.40
C LEU A 34 -10.08 -10.55 -0.82
N GLN A 35 -9.44 -10.45 -1.98
CA GLN A 35 -9.97 -11.03 -3.20
C GLN A 35 -10.13 -12.53 -3.04
N GLN A 36 -9.10 -13.16 -2.49
CA GLN A 36 -9.13 -14.57 -2.16
C GLN A 36 -10.20 -14.84 -1.10
N PHE A 37 -10.32 -13.93 -0.15
CA PHE A 37 -11.30 -14.02 0.92
C PHE A 37 -12.72 -13.97 0.36
N LEU A 38 -13.02 -12.96 -0.46
CA LEU A 38 -14.35 -12.79 -1.00
C LEU A 38 -14.72 -13.95 -1.91
N GLU A 39 -13.76 -14.39 -2.73
CA GLU A 39 -13.97 -15.52 -3.60
C GLU A 39 -14.24 -16.79 -2.80
N ALA A 40 -13.54 -16.94 -1.68
CA ALA A 40 -13.79 -18.06 -0.77
C ALA A 40 -15.24 -18.00 -0.27
N GLN A 41 -15.68 -16.81 0.11
CA GLN A 41 -17.04 -16.60 0.57
C GLN A 41 -18.02 -16.93 -0.54
N LYS A 42 -17.67 -16.54 -1.76
CA LYS A 42 -18.49 -16.85 -2.92
C LYS A 42 -18.64 -18.36 -3.08
N SER A 43 -17.52 -19.05 -3.18
CA SER A 43 -17.52 -20.48 -3.43
C SER A 43 -18.27 -21.26 -2.34
N GLU A 44 -18.02 -20.91 -1.08
CA GLU A 44 -18.64 -21.60 0.03
C GLU A 44 -20.12 -21.21 0.15
N GLY A 45 -20.40 -19.93 -0.08
CA GLY A 45 -21.77 -19.45 0.02
C GLY A 45 -22.64 -19.91 -1.12
N LYS A 46 -22.05 -20.02 -2.31
CA LYS A 46 -22.77 -20.45 -3.50
C LYS A 46 -22.92 -21.98 -3.49
N SER A 47 -22.22 -22.63 -2.58
CA SER A 47 -22.30 -24.08 -2.45
C SER A 47 -23.58 -24.46 -1.71
N LEU A 48 -24.68 -24.54 -2.47
CA LEU A 48 -25.97 -24.90 -1.91
C LEU A 48 -26.91 -25.25 -3.04
N GLY A 1 29.62 22.36 -4.24
CA GLY A 1 28.99 21.41 -5.20
C GLY A 1 27.48 21.59 -5.28
N SER A 2 26.81 20.68 -5.96
CA SER A 2 25.38 20.78 -6.15
C SER A 2 24.64 19.59 -5.54
N VAL A 3 25.06 18.38 -5.93
CA VAL A 3 24.39 17.15 -5.49
C VAL A 3 24.56 16.92 -3.98
N GLU A 4 25.57 17.56 -3.41
CA GLU A 4 25.78 17.55 -1.96
C GLU A 4 24.56 18.11 -1.23
N THR A 5 23.84 19.00 -1.90
CA THR A 5 22.61 19.54 -1.38
C THR A 5 21.44 19.13 -2.28
N CYS A 6 20.22 19.45 -1.85
CA CYS A 6 19.00 19.18 -2.62
C CYS A 6 18.66 17.69 -2.63
N MET A 7 19.68 16.85 -2.73
CA MET A 7 19.48 15.41 -2.61
C MET A 7 18.91 15.08 -1.24
N SER A 8 19.32 15.86 -0.25
CA SER A 8 18.85 15.68 1.11
C SER A 8 17.35 15.94 1.22
N LEU A 9 16.90 17.08 0.67
CA LEU A 9 15.47 17.41 0.69
C LEU A 9 14.68 16.45 -0.19
N ALA A 10 15.28 16.06 -1.29
CA ALA A 10 14.70 15.08 -2.19
C ALA A 10 14.56 13.73 -1.49
N SER A 11 15.54 13.39 -0.67
CA SER A 11 15.51 12.15 0.10
C SER A 11 14.33 12.17 1.07
N GLN A 12 14.04 13.34 1.61
CA GLN A 12 12.89 13.51 2.49
C GLN A 12 11.61 13.18 1.74
N VAL A 13 11.49 13.72 0.52
CA VAL A 13 10.35 13.45 -0.34
C VAL A 13 10.31 11.97 -0.71
N VAL A 14 11.49 11.42 -0.99
CA VAL A 14 11.63 10.01 -1.32
C VAL A 14 11.16 9.12 -0.17
N LYS A 15 11.48 9.51 1.05
CA LYS A 15 10.99 8.77 2.22
C LYS A 15 9.48 8.88 2.34
N LEU A 16 8.94 10.05 1.98
CA LEU A 16 7.50 10.24 2.00
C LEU A 16 6.81 9.35 0.97
N THR A 17 7.33 9.37 -0.25
CA THR A 17 6.78 8.53 -1.31
C THR A 17 7.00 7.06 -0.99
N LYS A 18 8.12 6.75 -0.33
CA LYS A 18 8.43 5.38 0.08
C LYS A 18 7.40 4.88 1.08
N GLN A 19 7.11 5.70 2.09
CA GLN A 19 6.15 5.34 3.12
C GLN A 19 4.78 5.10 2.49
N LEU A 20 4.40 5.98 1.58
CA LEU A 20 3.14 5.84 0.86
C LEU A 20 3.16 4.60 -0.01
N LYS A 21 4.26 4.41 -0.73
CA LYS A 21 4.44 3.26 -1.61
C LYS A 21 4.30 1.95 -0.85
N GLU A 22 5.01 1.83 0.26
CA GLU A 22 5.01 0.60 1.04
C GLU A 22 3.64 0.36 1.67
N GLN A 23 2.99 1.42 2.09
CA GLN A 23 1.65 1.31 2.63
C GLN A 23 0.66 0.91 1.54
N THR A 24 0.91 1.36 0.31
CA THR A 24 0.06 1.02 -0.81
C THR A 24 0.26 -0.43 -1.24
N VAL A 25 1.52 -0.87 -1.32
CA VAL A 25 1.81 -2.24 -1.77
C VAL A 25 1.23 -3.27 -0.79
N GLU A 26 1.28 -3.00 0.50
CA GLU A 26 0.66 -3.88 1.48
C GLU A 26 -0.86 -3.77 1.39
N ARG A 27 -1.36 -2.57 1.14
CA ARG A 27 -2.78 -2.32 1.06
C ARG A 27 -3.41 -3.04 -0.14
N VAL A 28 -2.74 -2.96 -1.29
CA VAL A 28 -3.21 -3.68 -2.48
C VAL A 28 -3.14 -5.19 -2.24
N THR A 29 -2.07 -5.61 -1.57
CA THR A 29 -1.89 -7.01 -1.22
C THR A 29 -2.98 -7.47 -0.25
N LEU A 30 -3.38 -6.60 0.68
CA LEU A 30 -4.46 -6.90 1.60
C LEU A 30 -5.76 -7.09 0.80
N GLN A 31 -5.99 -6.20 -0.17
CA GLN A 31 -7.13 -6.32 -1.06
C GLN A 31 -7.00 -7.57 -1.92
N ASN A 32 -5.77 -7.96 -2.22
CA ASN A 32 -5.49 -9.19 -2.95
C ASN A 32 -5.86 -10.39 -2.08
N GLN A 33 -5.57 -10.30 -0.79
CA GLN A 33 -5.97 -11.33 0.16
C GLN A 33 -7.50 -11.34 0.28
N LEU A 34 -8.09 -10.16 0.20
CA LEU A 34 -9.54 -10.04 0.22
C LEU A 34 -10.14 -10.66 -1.05
N GLN A 35 -9.41 -10.55 -2.15
CA GLN A 35 -9.78 -11.23 -3.38
C GLN A 35 -9.79 -12.74 -3.13
N GLN A 36 -8.73 -13.22 -2.47
CA GLN A 36 -8.66 -14.62 -2.08
C GLN A 36 -9.80 -14.98 -1.14
N PHE A 37 -10.15 -14.02 -0.29
CA PHE A 37 -11.22 -14.17 0.69
C PHE A 37 -12.58 -14.36 0.00
N LEU A 38 -12.91 -13.48 -0.94
CA LEU A 38 -14.17 -13.59 -1.67
C LEU A 38 -14.20 -14.88 -2.49
N GLU A 39 -13.06 -15.23 -3.06
CA GLU A 39 -12.92 -16.49 -3.79
C GLU A 39 -13.09 -17.68 -2.86
N ALA A 40 -12.61 -17.55 -1.63
CA ALA A 40 -12.80 -18.59 -0.62
C ALA A 40 -14.29 -18.79 -0.33
N GLN A 41 -15.04 -17.70 -0.36
CA GLN A 41 -16.49 -17.76 -0.19
C GLN A 41 -17.10 -18.52 -1.38
N LYS A 42 -16.61 -18.24 -2.57
CA LYS A 42 -17.00 -18.97 -3.77
C LYS A 42 -16.64 -20.45 -3.63
N SER A 43 -15.48 -20.70 -3.04
CA SER A 43 -15.02 -22.05 -2.79
C SER A 43 -15.99 -22.79 -1.86
N GLU A 44 -16.56 -22.07 -0.90
CA GLU A 44 -17.57 -22.63 -0.01
C GLU A 44 -18.87 -22.87 -0.76
N GLY A 45 -19.21 -21.94 -1.65
CA GLY A 45 -20.42 -22.07 -2.44
C GLY A 45 -20.35 -23.20 -3.45
N LYS A 46 -19.24 -23.28 -4.16
CA LYS A 46 -19.05 -24.31 -5.18
C LYS A 46 -18.85 -25.69 -4.55
N SER A 47 -18.49 -25.70 -3.27
CA SER A 47 -18.18 -26.94 -2.56
C SER A 47 -19.44 -27.77 -2.34
N LEU A 48 -19.27 -29.06 -2.19
CA LEU A 48 -20.38 -29.97 -1.97
C LEU A 48 -20.42 -30.42 -0.51
N GLY A 1 24.16 25.02 4.90
CA GLY A 1 23.23 26.16 4.68
C GLY A 1 21.94 25.72 4.00
N SER A 2 21.56 26.46 2.96
CA SER A 2 20.31 26.23 2.25
C SER A 2 20.23 24.84 1.63
N VAL A 3 21.27 24.46 0.89
CA VAL A 3 21.27 23.17 0.19
C VAL A 3 21.20 22.01 1.18
N GLU A 4 21.82 22.19 2.35
CA GLU A 4 21.80 21.18 3.39
C GLU A 4 20.38 20.89 3.84
N THR A 5 19.61 21.93 4.10
CA THR A 5 18.24 21.77 4.56
C THR A 5 17.33 21.32 3.43
N CYS A 6 17.62 21.76 2.20
CA CYS A 6 16.86 21.31 1.04
C CYS A 6 17.08 19.83 0.80
N MET A 7 18.31 19.36 1.03
CA MET A 7 18.62 17.94 0.91
C MET A 7 17.84 17.14 1.95
N SER A 8 17.70 17.70 3.15
CA SER A 8 16.90 17.07 4.19
C SER A 8 15.41 17.12 3.82
N LEU A 9 15.02 18.19 3.15
CA LEU A 9 13.68 18.36 2.67
C LEU A 9 13.37 17.31 1.59
N ALA A 10 14.31 17.14 0.67
CA ALA A 10 14.14 16.19 -0.41
C ALA A 10 14.12 14.76 0.10
N SER A 11 15.02 14.44 1.03
CA SER A 11 15.04 13.12 1.64
C SER A 11 13.76 12.89 2.43
N GLN A 12 13.26 13.95 3.05
CA GLN A 12 11.99 13.89 3.76
C GLN A 12 10.87 13.51 2.81
N VAL A 13 10.83 14.17 1.66
CA VAL A 13 9.87 13.84 0.61
C VAL A 13 10.03 12.38 0.19
N VAL A 14 11.29 11.95 0.10
CA VAL A 14 11.60 10.57 -0.22
C VAL A 14 11.03 9.62 0.85
N LYS A 15 11.11 10.03 2.12
CA LYS A 15 10.49 9.27 3.21
C LYS A 15 8.98 9.22 3.06
N LEU A 16 8.39 10.37 2.74
CA LEU A 16 6.94 10.46 2.54
C LEU A 16 6.50 9.56 1.40
N THR A 17 7.27 9.57 0.33
CA THR A 17 6.99 8.78 -0.83
C THR A 17 7.25 7.29 -0.55
N LYS A 18 8.26 7.02 0.26
CA LYS A 18 8.58 5.65 0.67
C LYS A 18 7.40 5.07 1.44
N GLN A 19 6.87 5.86 2.36
CA GLN A 19 5.72 5.46 3.16
C GLN A 19 4.52 5.20 2.27
N LEU A 20 4.32 6.05 1.28
CA LEU A 20 3.20 5.91 0.36
C LEU A 20 3.28 4.59 -0.39
N LYS A 21 4.47 4.27 -0.88
CA LYS A 21 4.67 3.02 -1.60
C LYS A 21 4.43 1.82 -0.70
N GLU A 22 5.02 1.84 0.49
CA GLU A 22 4.92 0.71 1.41
C GLU A 22 3.49 0.53 1.88
N GLN A 23 2.80 1.64 2.13
CA GLN A 23 1.40 1.60 2.50
C GLN A 23 0.55 1.03 1.37
N THR A 24 0.86 1.43 0.14
CA THR A 24 0.10 0.98 -1.01
C THR A 24 0.34 -0.50 -1.30
N VAL A 25 1.61 -0.93 -1.27
CA VAL A 25 1.95 -2.30 -1.63
C VAL A 25 1.31 -3.30 -0.67
N GLU A 26 1.30 -3.00 0.62
CA GLU A 26 0.67 -3.89 1.59
C GLU A 26 -0.86 -3.83 1.45
N ARG A 27 -1.36 -2.63 1.17
CA ARG A 27 -2.81 -2.41 1.05
C ARG A 27 -3.38 -3.14 -0.16
N VAL A 28 -2.70 -3.06 -1.29
CA VAL A 28 -3.14 -3.75 -2.51
C VAL A 28 -3.03 -5.26 -2.31
N THR A 29 -1.96 -5.69 -1.66
CA THR A 29 -1.78 -7.10 -1.33
C THR A 29 -2.87 -7.57 -0.36
N LEU A 30 -3.26 -6.71 0.59
CA LEU A 30 -4.33 -7.02 1.52
C LEU A 30 -5.63 -7.21 0.76
N GLN A 31 -5.89 -6.32 -0.19
CA GLN A 31 -7.07 -6.43 -1.06
C GLN A 31 -6.98 -7.67 -1.93
N ASN A 32 -5.77 -8.02 -2.34
CA ASN A 32 -5.51 -9.25 -3.10
C ASN A 32 -5.86 -10.46 -2.23
N GLN A 33 -5.42 -10.41 -0.97
CA GLN A 33 -5.76 -11.43 0.00
C GLN A 33 -7.28 -11.49 0.19
N LEU A 34 -7.88 -10.33 0.30
CA LEU A 34 -9.32 -10.21 0.49
C LEU A 34 -10.07 -10.68 -0.76
N GLN A 35 -9.49 -10.44 -1.93
CA GLN A 35 -10.06 -10.91 -3.18
C GLN A 35 -10.19 -12.43 -3.16
N GLN A 36 -9.11 -13.08 -2.75
CA GLN A 36 -9.10 -14.53 -2.62
C GLN A 36 -10.06 -14.97 -1.52
N PHE A 37 -10.18 -14.13 -0.49
CA PHE A 37 -11.05 -14.39 0.64
C PHE A 37 -12.52 -14.34 0.22
N LEU A 38 -12.92 -13.28 -0.48
CA LEU A 38 -14.29 -13.13 -0.94
C LEU A 38 -14.64 -14.22 -1.95
N GLU A 39 -13.68 -14.59 -2.77
CA GLU A 39 -13.87 -15.67 -3.73
C GLU A 39 -13.95 -17.02 -3.02
N ALA A 40 -13.20 -17.17 -1.94
CA ALA A 40 -13.32 -18.35 -1.09
C ALA A 40 -14.74 -18.47 -0.55
N GLN A 41 -15.36 -17.32 -0.29
CA GLN A 41 -16.76 -17.29 0.13
C GLN A 41 -17.66 -17.84 -0.97
N LYS A 42 -17.32 -17.51 -2.21
CA LYS A 42 -18.03 -18.03 -3.38
C LYS A 42 -17.98 -19.54 -3.38
N SER A 43 -16.78 -20.07 -3.16
CA SER A 43 -16.56 -21.50 -3.10
C SER A 43 -17.41 -22.14 -1.99
N GLU A 44 -17.62 -21.41 -0.91
CA GLU A 44 -18.47 -21.88 0.18
C GLU A 44 -19.93 -21.87 -0.25
N GLY A 45 -20.35 -20.76 -0.84
CA GLY A 45 -21.73 -20.61 -1.27
C GLY A 45 -22.10 -21.56 -2.38
N LYS A 46 -21.19 -21.75 -3.32
CA LYS A 46 -21.42 -22.66 -4.45
C LYS A 46 -21.28 -24.11 -4.03
N SER A 47 -20.69 -24.33 -2.86
CA SER A 47 -20.45 -25.69 -2.37
C SER A 47 -21.76 -26.34 -1.92
N LEU A 48 -22.46 -26.91 -2.87
CA LEU A 48 -23.68 -27.66 -2.58
C LEU A 48 -23.40 -29.14 -2.78
N GLY A 1 19.14 29.06 11.67
CA GLY A 1 17.91 29.17 12.49
C GLY A 1 16.87 28.13 12.13
N SER A 2 16.40 28.17 10.89
CA SER A 2 15.32 27.28 10.48
C SER A 2 15.82 26.21 9.50
N VAL A 3 17.10 25.86 9.58
CA VAL A 3 17.65 24.81 8.72
C VAL A 3 17.05 23.46 9.10
N GLU A 4 17.11 23.13 10.38
CA GLU A 4 16.53 21.89 10.87
C GLU A 4 15.03 21.85 10.61
N THR A 5 14.41 23.02 10.57
CA THR A 5 13.00 23.13 10.29
C THR A 5 12.69 22.63 8.87
N CYS A 6 13.35 23.22 7.88
CA CYS A 6 13.15 22.83 6.48
C CYS A 6 13.67 21.41 6.25
N MET A 7 14.75 21.06 6.92
CA MET A 7 15.28 19.71 6.86
C MET A 7 14.24 18.72 7.37
N SER A 8 13.56 19.09 8.45
CA SER A 8 12.56 18.23 9.06
C SER A 8 11.36 18.07 8.14
N LEU A 9 10.83 19.16 7.58
CA LEU A 9 9.66 19.07 6.73
C LEU A 9 9.95 18.25 5.47
N ALA A 10 11.13 18.44 4.90
CA ALA A 10 11.54 17.70 3.71
C ALA A 10 11.69 16.21 4.01
N SER A 11 12.30 15.89 5.14
CA SER A 11 12.49 14.50 5.54
C SER A 11 11.16 13.87 5.92
N GLN A 12 10.27 14.64 6.55
CA GLN A 12 8.94 14.16 6.87
C GLN A 12 8.19 13.82 5.59
N VAL A 13 8.27 14.69 4.60
CA VAL A 13 7.68 14.43 3.30
C VAL A 13 8.26 13.15 2.71
N VAL A 14 9.56 12.97 2.88
CA VAL A 14 10.23 11.75 2.45
C VAL A 14 9.68 10.53 3.16
N LYS A 15 9.40 10.67 4.46
CA LYS A 15 8.77 9.61 5.23
C LYS A 15 7.36 9.35 4.73
N LEU A 16 6.60 10.42 4.50
CA LEU A 16 5.22 10.31 4.03
C LEU A 16 5.17 9.62 2.68
N THR A 17 5.99 10.08 1.75
CA THR A 17 5.99 9.55 0.39
C THR A 17 6.41 8.08 0.39
N LYS A 18 7.35 7.74 1.27
CA LYS A 18 7.79 6.36 1.39
C LYS A 18 6.67 5.50 1.98
N GLN A 19 6.06 5.98 3.06
CA GLN A 19 4.99 5.25 3.72
C GLN A 19 3.82 5.06 2.78
N LEU A 20 3.53 6.06 1.96
CA LEU A 20 2.45 5.97 0.98
C LEU A 20 2.69 4.82 0.01
N LYS A 21 3.90 4.75 -0.51
CA LYS A 21 4.26 3.72 -1.47
C LYS A 21 4.25 2.34 -0.82
N GLU A 22 4.89 2.22 0.34
CA GLU A 22 4.98 0.94 1.03
C GLU A 22 3.61 0.49 1.53
N GLN A 23 2.79 1.45 1.94
CA GLN A 23 1.42 1.16 2.34
C GLN A 23 0.65 0.58 1.17
N THR A 24 0.90 1.12 -0.02
CA THR A 24 0.20 0.67 -1.21
C THR A 24 0.59 -0.75 -1.59
N VAL A 25 1.89 -1.08 -1.54
CA VAL A 25 2.34 -2.40 -1.96
C VAL A 25 1.81 -3.50 -1.04
N GLU A 26 1.79 -3.25 0.26
CA GLU A 26 1.21 -4.21 1.20
C GLU A 26 -0.32 -4.21 1.08
N ARG A 27 -0.88 -3.03 0.78
CA ARG A 27 -2.32 -2.88 0.65
C ARG A 27 -2.86 -3.60 -0.58
N VAL A 28 -2.16 -3.48 -1.71
CA VAL A 28 -2.57 -4.20 -2.92
C VAL A 28 -2.45 -5.69 -2.70
N THR A 29 -1.39 -6.08 -2.02
CA THR A 29 -1.19 -7.46 -1.63
C THR A 29 -2.32 -7.91 -0.69
N LEU A 30 -2.73 -7.00 0.20
CA LEU A 30 -3.83 -7.25 1.12
C LEU A 30 -5.14 -7.37 0.34
N GLN A 31 -5.35 -6.48 -0.62
CA GLN A 31 -6.53 -6.53 -1.47
C GLN A 31 -6.60 -7.86 -2.22
N ASN A 32 -5.44 -8.40 -2.56
CA ASN A 32 -5.35 -9.71 -3.19
C ASN A 32 -5.88 -10.78 -2.23
N GLN A 33 -5.48 -10.68 -0.98
CA GLN A 33 -5.95 -11.58 0.06
C GLN A 33 -7.44 -11.36 0.31
N LEU A 34 -7.86 -10.10 0.23
CA LEU A 34 -9.27 -9.74 0.40
C LEU A 34 -10.09 -10.28 -0.76
N GLN A 35 -9.48 -10.34 -1.94
CA GLN A 35 -10.12 -10.96 -3.10
C GLN A 35 -10.42 -12.42 -2.79
N GLN A 36 -9.44 -13.11 -2.21
CA GLN A 36 -9.62 -14.49 -1.80
C GLN A 36 -10.67 -14.56 -0.69
N PHE A 37 -10.71 -13.54 0.14
CA PHE A 37 -11.64 -13.44 1.25
C PHE A 37 -13.09 -13.29 0.77
N LEU A 38 -13.33 -12.38 -0.18
CA LEU A 38 -14.66 -12.18 -0.71
C LEU A 38 -15.14 -13.42 -1.46
N GLU A 39 -14.24 -14.06 -2.18
CA GLU A 39 -14.53 -15.32 -2.85
C GLU A 39 -14.84 -16.41 -1.83
N ALA A 40 -14.14 -16.37 -0.69
CA ALA A 40 -14.41 -17.29 0.41
C ALA A 40 -15.83 -17.12 0.91
N GLN A 41 -16.29 -15.88 0.98
CA GLN A 41 -17.66 -15.57 1.41
C GLN A 41 -18.66 -16.29 0.52
N LYS A 42 -18.30 -16.46 -0.74
CA LYS A 42 -19.13 -17.16 -1.69
C LYS A 42 -19.18 -18.65 -1.38
N SER A 43 -18.01 -19.29 -1.35
CA SER A 43 -17.91 -20.73 -1.13
C SER A 43 -18.39 -21.12 0.27
N GLU A 44 -18.16 -20.26 1.26
CA GLU A 44 -18.53 -20.56 2.63
C GLU A 44 -19.96 -20.10 2.91
N GLY A 45 -20.41 -19.10 2.16
CA GLY A 45 -21.74 -18.57 2.35
C GLY A 45 -22.80 -19.39 1.65
N LYS A 46 -22.44 -19.96 0.49
CA LYS A 46 -23.36 -20.81 -0.26
C LYS A 46 -23.72 -22.08 0.53
N SER A 47 -22.92 -22.37 1.55
CA SER A 47 -23.19 -23.50 2.42
C SER A 47 -23.88 -23.01 3.70
N LEU A 48 -25.20 -23.06 3.70
CA LEU A 48 -25.99 -22.61 4.83
C LEU A 48 -26.16 -23.73 5.84
N GLY A 1 16.79 28.08 -9.98
CA GLY A 1 17.68 28.23 -8.80
C GLY A 1 18.69 27.10 -8.73
N SER A 2 19.35 26.98 -7.58
CA SER A 2 20.34 25.94 -7.37
C SER A 2 19.64 24.64 -6.95
N VAL A 3 20.29 23.53 -7.25
CA VAL A 3 19.71 22.20 -7.04
C VAL A 3 19.57 21.86 -5.55
N GLU A 4 20.40 22.49 -4.72
CA GLU A 4 20.45 22.19 -3.30
C GLU A 4 19.09 22.35 -2.61
N THR A 5 18.29 23.30 -3.06
CA THR A 5 16.97 23.52 -2.48
C THR A 5 15.98 22.45 -2.96
N CYS A 6 15.95 22.23 -4.27
CA CYS A 6 15.06 21.24 -4.86
C CYS A 6 15.39 19.85 -4.33
N MET A 7 16.68 19.56 -4.15
CA MET A 7 17.11 18.27 -3.64
C MET A 7 16.55 18.04 -2.24
N SER A 8 16.44 19.10 -1.45
CA SER A 8 15.92 18.99 -0.09
C SER A 8 14.42 18.67 -0.11
N LEU A 9 13.66 19.41 -0.91
CA LEU A 9 12.24 19.18 -1.01
C LEU A 9 11.93 17.84 -1.68
N ALA A 10 12.67 17.53 -2.73
CA ALA A 10 12.47 16.29 -3.48
C ALA A 10 12.76 15.07 -2.63
N SER A 11 13.82 15.12 -1.82
CA SER A 11 14.16 14.01 -0.95
C SER A 11 13.08 13.84 0.12
N GLN A 12 12.54 14.96 0.59
CA GLN A 12 11.43 14.93 1.54
C GLN A 12 10.22 14.24 0.91
N VAL A 13 9.95 14.59 -0.35
CA VAL A 13 8.92 13.93 -1.13
C VAL A 13 9.24 12.44 -1.30
N VAL A 14 10.51 12.15 -1.53
CA VAL A 14 10.97 10.78 -1.71
C VAL A 14 10.71 9.94 -0.45
N LYS A 15 10.98 10.52 0.72
CA LYS A 15 10.69 9.84 1.99
C LYS A 15 9.20 9.57 2.12
N LEU A 16 8.40 10.58 1.78
CA LEU A 16 6.94 10.45 1.84
C LEU A 16 6.44 9.41 0.84
N THR A 17 6.97 9.48 -0.38
CA THR A 17 6.61 8.56 -1.43
C THR A 17 7.02 7.13 -1.06
N LYS A 18 8.13 7.02 -0.34
CA LYS A 18 8.62 5.74 0.14
C LYS A 18 7.57 5.10 1.04
N GLN A 19 7.06 5.88 1.99
CA GLN A 19 6.06 5.39 2.92
C GLN A 19 4.74 5.13 2.22
N LEU A 20 4.36 6.04 1.32
CA LEU A 20 3.11 5.92 0.57
C LEU A 20 3.10 4.64 -0.25
N LYS A 21 4.19 4.38 -0.95
CA LYS A 21 4.31 3.17 -1.76
C LYS A 21 4.20 1.92 -0.88
N GLU A 22 4.88 1.94 0.26
CA GLU A 22 4.86 0.81 1.18
C GLU A 22 3.46 0.60 1.76
N GLN A 23 2.77 1.70 2.05
CA GLN A 23 1.40 1.62 2.54
C GLN A 23 0.49 1.04 1.45
N THR A 24 0.77 1.41 0.22
CA THR A 24 -0.02 0.94 -0.92
C THR A 24 0.23 -0.54 -1.17
N VAL A 25 1.49 -0.97 -1.19
CA VAL A 25 1.82 -2.36 -1.50
C VAL A 25 1.25 -3.32 -0.46
N GLU A 26 1.28 -2.94 0.81
CA GLU A 26 0.71 -3.77 1.86
C GLU A 26 -0.82 -3.77 1.76
N ARG A 27 -1.37 -2.63 1.35
CA ARG A 27 -2.82 -2.51 1.21
C ARG A 27 -3.32 -3.30 0.00
N VAL A 28 -2.64 -3.17 -1.13
CA VAL A 28 -3.04 -3.90 -2.34
C VAL A 28 -2.89 -5.39 -2.11
N THR A 29 -1.83 -5.77 -1.42
CA THR A 29 -1.59 -7.16 -1.06
C THR A 29 -2.72 -7.69 -0.17
N LEU A 30 -3.16 -6.87 0.79
CA LEU A 30 -4.24 -7.24 1.67
C LEU A 30 -5.54 -7.37 0.87
N GLN A 31 -5.78 -6.40 0.00
CA GLN A 31 -6.93 -6.45 -0.90
C GLN A 31 -6.86 -7.66 -1.82
N ASN A 32 -5.64 -8.04 -2.19
CA ASN A 32 -5.41 -9.22 -3.02
C ASN A 32 -5.81 -10.47 -2.27
N GLN A 33 -5.44 -10.52 -0.98
CA GLN A 33 -5.82 -11.63 -0.13
C GLN A 33 -7.32 -11.61 0.11
N LEU A 34 -7.87 -10.40 0.25
CA LEU A 34 -9.30 -10.22 0.44
C LEU A 34 -10.05 -10.61 -0.82
N GLN A 35 -9.44 -10.37 -1.97
CA GLN A 35 -10.01 -10.79 -3.24
C GLN A 35 -10.15 -12.30 -3.27
N GLN A 36 -9.10 -13.00 -2.87
CA GLN A 36 -9.13 -14.44 -2.76
C GLN A 36 -10.15 -14.85 -1.69
N PHE A 37 -10.25 -14.03 -0.65
CA PHE A 37 -11.18 -14.27 0.44
C PHE A 37 -12.63 -14.18 -0.02
N LEU A 38 -12.97 -13.10 -0.74
CA LEU A 38 -14.32 -12.93 -1.25
C LEU A 38 -14.67 -14.02 -2.26
N GLU A 39 -13.69 -14.39 -3.08
CA GLU A 39 -13.87 -15.48 -4.03
C GLU A 39 -14.06 -16.82 -3.30
N ALA A 40 -13.36 -16.99 -2.19
CA ALA A 40 -13.51 -18.19 -1.37
C ALA A 40 -14.93 -18.27 -0.82
N GLN A 41 -15.47 -17.13 -0.39
CA GLN A 41 -16.86 -17.05 0.05
C GLN A 41 -17.80 -17.53 -1.04
N LYS A 42 -17.48 -17.14 -2.26
CA LYS A 42 -18.25 -17.56 -3.43
C LYS A 42 -18.17 -19.06 -3.59
N SER A 43 -16.97 -19.60 -3.52
CA SER A 43 -16.76 -21.04 -3.64
C SER A 43 -17.53 -21.79 -2.56
N GLU A 44 -17.38 -21.35 -1.32
CA GLU A 44 -18.07 -21.98 -0.19
C GLU A 44 -19.58 -21.89 -0.37
N GLY A 45 -20.06 -20.76 -0.87
CA GLY A 45 -21.48 -20.55 -1.04
C GLY A 45 -22.04 -21.29 -2.24
N LYS A 46 -21.28 -21.32 -3.33
CA LYS A 46 -21.72 -22.00 -4.54
C LYS A 46 -21.62 -23.51 -4.37
N SER A 47 -20.81 -23.95 -3.39
CA SER A 47 -20.64 -25.36 -3.11
C SER A 47 -21.87 -25.92 -2.40
N LEU A 48 -22.87 -26.26 -3.20
CA LEU A 48 -24.09 -26.88 -2.71
C LEU A 48 -24.90 -27.38 -3.91
N GLY A 1 21.23 31.77 1.95
CA GLY A 1 21.13 30.43 2.56
C GLY A 1 19.69 30.05 2.84
N SER A 2 19.47 29.39 3.98
CA SER A 2 18.14 28.94 4.38
C SER A 2 17.56 27.97 3.35
N VAL A 3 18.42 27.09 2.85
CA VAL A 3 18.02 26.08 1.89
C VAL A 3 17.81 24.75 2.61
N GLU A 4 18.58 24.55 3.68
CA GLU A 4 18.51 23.34 4.47
C GLU A 4 17.10 23.14 5.04
N THR A 5 16.43 24.24 5.35
CA THR A 5 15.09 24.19 5.92
C THR A 5 14.09 23.60 4.92
N CYS A 6 14.10 24.10 3.69
CA CYS A 6 13.17 23.61 2.68
C CYS A 6 13.64 22.28 2.10
N MET A 7 14.95 22.05 2.13
CA MET A 7 15.49 20.76 1.73
C MET A 7 15.01 19.68 2.70
N SER A 8 14.95 20.03 3.98
CA SER A 8 14.56 19.08 5.03
C SER A 8 13.09 18.68 4.90
N LEU A 9 12.21 19.65 4.67
CA LEU A 9 10.79 19.35 4.53
C LEU A 9 10.52 18.54 3.27
N ALA A 10 11.22 18.85 2.20
CA ALA A 10 11.06 18.15 0.94
C ALA A 10 11.49 16.69 1.06
N SER A 11 12.61 16.44 1.72
CA SER A 11 13.07 15.07 1.93
C SER A 11 12.11 14.31 2.84
N GLN A 12 11.54 15.02 3.81
CA GLN A 12 10.54 14.43 4.69
C GLN A 12 9.32 13.98 3.87
N VAL A 13 8.88 14.85 2.97
CA VAL A 13 7.77 14.52 2.06
C VAL A 13 8.13 13.30 1.23
N VAL A 14 9.38 13.23 0.81
CA VAL A 14 9.89 12.09 0.08
C VAL A 14 9.78 10.81 0.92
N LYS A 15 10.05 10.94 2.21
CA LYS A 15 9.90 9.83 3.15
C LYS A 15 8.42 9.44 3.31
N LEU A 16 7.55 10.45 3.41
CA LEU A 16 6.11 10.20 3.48
C LEU A 16 5.64 9.50 2.22
N THR A 17 6.22 9.88 1.09
CA THR A 17 5.91 9.27 -0.19
C THR A 17 6.36 7.80 -0.19
N LYS A 18 7.48 7.54 0.47
CA LYS A 18 7.97 6.17 0.62
C LYS A 18 7.00 5.36 1.48
N GLN A 19 6.54 5.97 2.56
CA GLN A 19 5.57 5.33 3.44
C GLN A 19 4.27 5.03 2.69
N LEU A 20 3.84 5.99 1.86
CA LEU A 20 2.65 5.80 1.03
C LEU A 20 2.86 4.63 0.08
N LYS A 21 4.03 4.59 -0.53
CA LYS A 21 4.40 3.49 -1.43
C LYS A 21 4.32 2.15 -0.70
N GLU A 22 4.91 2.09 0.49
CA GLU A 22 4.90 0.87 1.29
C GLU A 22 3.49 0.50 1.72
N GLN A 23 2.72 1.52 2.09
CA GLN A 23 1.32 1.31 2.48
C GLN A 23 0.53 0.74 1.31
N THR A 24 0.80 1.24 0.12
CA THR A 24 0.10 0.82 -1.08
C THR A 24 0.44 -0.62 -1.47
N VAL A 25 1.73 -0.97 -1.43
CA VAL A 25 2.16 -2.30 -1.85
C VAL A 25 1.60 -3.39 -0.94
N GLU A 26 1.57 -3.14 0.37
CA GLU A 26 0.96 -4.08 1.29
C GLU A 26 -0.55 -4.05 1.17
N ARG A 27 -1.11 -2.88 0.85
CA ARG A 27 -2.55 -2.74 0.70
C ARG A 27 -3.05 -3.50 -0.53
N VAL A 28 -2.36 -3.36 -1.66
CA VAL A 28 -2.74 -4.11 -2.86
C VAL A 28 -2.62 -5.60 -2.62
N THR A 29 -1.58 -5.99 -1.90
CA THR A 29 -1.38 -7.37 -1.50
C THR A 29 -2.50 -7.82 -0.57
N LEU A 30 -2.92 -6.93 0.32
CA LEU A 30 -4.01 -7.17 1.23
C LEU A 30 -5.31 -7.31 0.44
N GLN A 31 -5.51 -6.43 -0.53
CA GLN A 31 -6.68 -6.51 -1.41
C GLN A 31 -6.70 -7.82 -2.19
N ASN A 32 -5.51 -8.30 -2.54
CA ASN A 32 -5.37 -9.59 -3.20
C ASN A 32 -5.82 -10.71 -2.26
N GLN A 33 -5.44 -10.60 -0.99
CA GLN A 33 -5.89 -11.53 0.03
C GLN A 33 -7.39 -11.38 0.26
N LEU A 34 -7.86 -10.14 0.23
CA LEU A 34 -9.28 -9.84 0.39
C LEU A 34 -10.07 -10.38 -0.80
N GLN A 35 -9.45 -10.38 -1.97
CA GLN A 35 -10.03 -10.97 -3.15
C GLN A 35 -10.26 -12.45 -2.91
N GLN A 36 -9.27 -13.12 -2.34
CA GLN A 36 -9.40 -14.52 -1.95
C GLN A 36 -10.45 -14.67 -0.85
N PHE A 37 -10.52 -13.66 0.01
CA PHE A 37 -11.46 -13.62 1.12
C PHE A 37 -12.90 -13.54 0.61
N LEU A 38 -13.17 -12.60 -0.29
CA LEU A 38 -14.50 -12.46 -0.85
C LEU A 38 -14.87 -13.71 -1.66
N GLU A 39 -13.90 -14.25 -2.39
CA GLU A 39 -14.10 -15.49 -3.13
C GLU A 39 -14.41 -16.65 -2.20
N ALA A 40 -13.80 -16.64 -1.02
CA ALA A 40 -14.10 -17.61 0.00
C ALA A 40 -15.56 -17.48 0.43
N GLN A 41 -15.99 -16.24 0.68
CA GLN A 41 -17.38 -15.97 1.07
C GLN A 41 -18.33 -16.47 -0.02
N LYS A 42 -17.93 -16.28 -1.27
CA LYS A 42 -18.68 -16.84 -2.40
C LYS A 42 -18.82 -18.33 -2.20
N SER A 43 -17.68 -19.02 -2.18
CA SER A 43 -17.63 -20.47 -2.02
C SER A 43 -18.49 -20.95 -0.84
N GLU A 44 -18.48 -20.17 0.25
CA GLU A 44 -19.27 -20.51 1.43
C GLU A 44 -20.76 -20.53 1.13
N GLY A 45 -21.29 -19.35 0.81
CA GLY A 45 -22.72 -19.22 0.54
C GLY A 45 -23.16 -19.95 -0.70
N LYS A 46 -22.25 -20.07 -1.66
CA LYS A 46 -22.51 -20.80 -2.89
C LYS A 46 -22.67 -22.30 -2.62
N SER A 47 -21.91 -22.82 -1.67
CA SER A 47 -21.92 -24.23 -1.36
C SER A 47 -23.13 -24.59 -0.50
N LEU A 48 -23.34 -23.82 0.57
CA LEU A 48 -24.46 -24.06 1.46
C LEU A 48 -25.29 -22.79 1.63
#